data_7PE6
#
_entry.id   7PE6
#
_cell.length_a   74.040
_cell.length_b   74.040
_cell.length_c   350.590
_cell.angle_alpha   90.000
_cell.angle_beta   90.000
_cell.angle_gamma   120.000
#
_symmetry.space_group_name_H-M   'P 65'
#
loop_
_entity.id
_entity.type
_entity.pdbx_description
1 polymer 'Acetylcholine-binding protein'
2 non-polymer (~{N}~{E})-~{N}-[1-[(6-chloranylpyridin-3-yl)methyl]pyridin-2-ylidene]-2,2,2-tris(fluoranyl)ethanamide
3 water water
#
_entity_poly.entity_id   1
_entity_poly.type   'polypeptide(L)'
_entity_poly.pdbx_seq_one_letter_code
;ADRADILYNIRQTSRPDVIPTQRDRPVAVSVSLKFINILEVNEITNEVDVVFWQRTTWSDRTLAWDSSHSPDQVSVPISS
LWVPDLAAYNAISKPEVLTPQLARVVSDGEVLYVPSIRQRFSCDVSGVDTESGATCRIKIGSWTHHSREISVDPTTENSD
DSEYFSQYSRFEILDVTQKKNSVTYSCCPEAYEDVEVSLNFRKKGRSEIL
;
_entity_poly.pdbx_strand_id   AaA,BaB,CaC,DaD,EaE
#
# COMPACT_ATOMS: atom_id res chain seq x y z
N ALA A 1 1.23 -11.06 -38.10
CA ALA A 1 0.79 -10.66 -36.76
C ALA A 1 1.94 -9.92 -36.01
N ASP A 2 1.65 -8.83 -35.34
CA ASP A 2 2.65 -7.96 -34.65
C ASP A 2 2.53 -8.19 -33.13
N ARG A 3 3.25 -7.41 -32.33
CA ARG A 3 3.22 -7.60 -30.85
C ARG A 3 1.82 -7.34 -30.32
N ALA A 4 1.15 -6.33 -30.87
CA ALA A 4 -0.22 -5.94 -30.46
C ALA A 4 -1.14 -7.16 -30.59
N ASP A 5 -1.09 -7.83 -31.74
CA ASP A 5 -1.90 -9.05 -32.03
C ASP A 5 -1.54 -10.15 -31.05
N ILE A 6 -0.26 -10.35 -30.73
CA ILE A 6 0.14 -11.42 -29.76
C ILE A 6 -0.48 -11.11 -28.41
N LEU A 7 -0.33 -9.88 -27.94
CA LEU A 7 -0.88 -9.52 -26.61
C LEU A 7 -2.42 -9.57 -26.63
N TYR A 8 -3.07 -9.10 -27.69
CA TYR A 8 -4.56 -9.24 -27.81
C TYR A 8 -4.96 -10.72 -27.69
N ASN A 9 -4.24 -11.62 -28.35
CA ASN A 9 -4.54 -13.07 -28.36
C ASN A 9 -4.34 -13.66 -26.95
N ILE A 10 -3.31 -13.20 -26.27
CA ILE A 10 -3.03 -13.65 -24.87
C ILE A 10 -4.20 -13.22 -23.99
N ARG A 11 -4.64 -11.98 -24.13
CA ARG A 11 -5.79 -11.46 -23.35
C ARG A 11 -7.04 -12.29 -23.67
N GLN A 12 -7.26 -12.69 -24.92
CA GLN A 12 -8.46 -13.50 -25.29
C GLN A 12 -8.34 -14.91 -24.70
N THR A 13 -7.14 -15.49 -24.62
CA THR A 13 -6.99 -16.95 -24.32
C THR A 13 -6.55 -17.19 -22.85
N SER A 14 -5.70 -16.35 -22.29
CA SER A 14 -5.17 -16.52 -20.90
C SER A 14 -6.30 -16.59 -19.87
N ARG A 15 -6.21 -17.53 -18.95
CA ARG A 15 -7.10 -17.65 -17.79
C ARG A 15 -6.23 -17.57 -16.53
N PRO A 16 -5.97 -16.37 -16.01
CA PRO A 16 -5.04 -16.19 -14.90
C PRO A 16 -5.39 -17.00 -13.66
N ASP A 17 -6.68 -17.37 -13.48
CA ASP A 17 -7.09 -18.08 -12.26
C ASP A 17 -7.16 -19.59 -12.52
N VAL A 18 -6.76 -20.09 -13.68
CA VAL A 18 -6.90 -21.54 -14.01
C VAL A 18 -5.52 -22.16 -14.23
N ILE A 19 -5.16 -23.14 -13.44
CA ILE A 19 -3.86 -23.82 -13.63
C ILE A 19 -3.87 -24.47 -15.02
N PRO A 20 -2.86 -24.25 -15.90
CA PRO A 20 -2.88 -24.78 -17.26
C PRO A 20 -2.43 -26.25 -17.38
N THR A 21 -3.09 -27.16 -16.67
CA THR A 21 -2.72 -28.59 -16.68
C THR A 21 -3.12 -29.11 -18.06
N GLN A 22 -2.23 -29.94 -18.63
CA GLN A 22 -2.40 -30.56 -19.97
C GLN A 22 -2.74 -32.03 -19.66
N ARG A 23 -3.90 -32.48 -20.16
CA ARG A 23 -4.46 -33.81 -19.79
C ARG A 23 -4.67 -33.75 -18.29
N ASP A 24 -4.30 -34.78 -17.52
CA ASP A 24 -4.31 -34.67 -16.03
C ASP A 24 -2.88 -34.62 -15.51
N ARG A 25 -1.97 -33.98 -16.25
CA ARG A 25 -0.53 -33.90 -15.87
C ARG A 25 -0.39 -32.73 -14.90
N PRO A 26 0.51 -32.82 -13.90
CA PRO A 26 0.90 -31.65 -13.13
C PRO A 26 1.52 -30.61 -14.06
N VAL A 27 1.46 -29.34 -13.69
CA VAL A 27 2.26 -28.28 -14.36
C VAL A 27 3.68 -28.38 -13.79
N ALA A 28 4.68 -28.55 -14.67
CA ALA A 28 6.09 -28.65 -14.26
C ALA A 28 6.66 -27.24 -14.11
N VAL A 29 6.91 -26.82 -12.89
CA VAL A 29 7.45 -25.46 -12.62
C VAL A 29 8.92 -25.59 -12.22
N SER A 30 9.79 -24.91 -12.92
CA SER A 30 11.23 -24.82 -12.58
C SER A 30 11.49 -23.56 -11.77
N VAL A 31 12.17 -23.71 -10.64
CA VAL A 31 12.52 -22.60 -9.73
C VAL A 31 14.00 -22.68 -9.42
N SER A 32 14.68 -21.56 -9.58
CA SER A 32 16.13 -21.44 -9.33
C SER A 32 16.40 -20.05 -8.73
N LEU A 33 17.06 -19.98 -7.56
CA LEU A 33 17.40 -18.70 -6.93
C LEU A 33 18.83 -18.34 -7.27
N LYS A 34 19.03 -17.09 -7.64
CA LYS A 34 20.35 -16.46 -7.77
C LYS A 34 20.43 -15.41 -6.64
N PHE A 35 21.30 -15.60 -5.67
CA PHE A 35 21.49 -14.61 -4.60
C PHE A 35 22.24 -13.38 -5.10
N ILE A 36 21.68 -12.22 -4.79
CA ILE A 36 22.20 -10.91 -5.17
C ILE A 36 22.82 -10.22 -3.95
N ASN A 37 22.19 -10.37 -2.80
CA ASN A 37 22.67 -9.62 -1.62
C ASN A 37 22.22 -10.34 -0.37
N ILE A 38 23.04 -10.20 0.67
CA ILE A 38 22.65 -10.58 2.04
C ILE A 38 22.81 -9.30 2.84
N LEU A 39 21.70 -8.73 3.30
CA LEU A 39 21.67 -7.33 3.79
C LEU A 39 21.79 -7.31 5.31
N GLU A 40 21.23 -8.30 6.02
CA GLU A 40 21.22 -8.30 7.50
C GLU A 40 21.15 -9.75 7.92
N VAL A 41 21.83 -10.05 8.99
CA VAL A 41 21.83 -11.40 9.55
C VAL A 41 21.78 -11.22 11.06
N ASN A 42 21.00 -12.00 11.76
CA ASN A 42 20.94 -11.89 13.24
C ASN A 42 21.19 -13.29 13.81
N GLU A 43 22.34 -13.47 14.45
CA GLU A 43 22.76 -14.78 15.03
C GLU A 43 21.83 -15.19 16.19
N ILE A 44 21.33 -14.22 16.95
CA ILE A 44 20.50 -14.49 18.16
C ILE A 44 19.05 -14.85 17.76
N THR A 45 18.46 -14.16 16.78
CA THR A 45 17.08 -14.44 16.36
C THR A 45 17.07 -15.46 15.23
N ASN A 46 18.21 -15.76 14.60
CA ASN A 46 18.27 -16.72 13.47
C ASN A 46 17.39 -16.19 12.33
N GLU A 47 17.64 -14.95 11.91
CA GLU A 47 16.87 -14.29 10.84
C GLU A 47 17.85 -13.69 9.86
N VAL A 48 17.52 -13.74 8.58
CA VAL A 48 18.34 -13.15 7.50
C VAL A 48 17.42 -12.35 6.60
N ASP A 49 17.95 -11.29 6.03
CA ASP A 49 17.25 -10.40 5.06
C ASP A 49 18.09 -10.51 3.78
N VAL A 50 17.54 -11.02 2.69
CA VAL A 50 18.28 -11.33 1.46
C VAL A 50 17.52 -10.79 0.24
N VAL A 51 18.28 -10.54 -0.83
CA VAL A 51 17.77 -10.20 -2.17
C VAL A 51 18.17 -11.33 -3.11
N PHE A 52 17.20 -11.86 -3.86
CA PHE A 52 17.49 -12.93 -4.83
C PHE A 52 16.60 -12.74 -6.06
N TRP A 53 17.12 -13.19 -7.20
CA TRP A 53 16.36 -13.39 -8.46
C TRP A 53 15.74 -14.77 -8.42
N GLN A 54 14.42 -14.82 -8.45
CA GLN A 54 13.71 -16.11 -8.43
C GLN A 54 13.35 -16.49 -9.86
N ARG A 55 14.23 -17.21 -10.51
CA ARG A 55 13.99 -17.58 -11.93
C ARG A 55 12.95 -18.71 -11.97
N THR A 56 11.82 -18.44 -12.59
CA THR A 56 10.63 -19.33 -12.56
C THR A 56 10.19 -19.57 -13.99
N THR A 57 10.02 -20.83 -14.37
CA THR A 57 9.55 -21.19 -15.73
C THR A 57 8.51 -22.29 -15.66
N TRP A 58 7.64 -22.26 -16.64
CA TRP A 58 6.59 -23.27 -16.79
C TRP A 58 6.05 -23.10 -18.21
N SER A 59 5.19 -24.02 -18.58
CA SER A 59 4.57 -24.02 -19.92
C SER A 59 3.07 -23.77 -19.77
N ASP A 60 2.51 -22.89 -20.59
CA ASP A 60 1.03 -22.73 -20.73
C ASP A 60 0.75 -22.78 -22.24
N ARG A 61 0.41 -23.97 -22.73
CA ARG A 61 0.36 -24.23 -24.19
C ARG A 61 -0.83 -23.48 -24.82
N THR A 62 -1.79 -23.04 -24.01
CA THR A 62 -2.95 -22.25 -24.49
C THR A 62 -2.45 -20.90 -25.02
N LEU A 63 -1.27 -20.43 -24.62
CA LEU A 63 -0.80 -19.09 -25.03
C LEU A 63 -0.05 -19.18 -26.37
N ALA A 64 0.20 -20.37 -26.92
CA ALA A 64 1.15 -20.56 -28.08
C ALA A 64 0.65 -19.81 -29.31
N TRP A 65 1.55 -19.33 -30.18
CA TRP A 65 1.16 -18.70 -31.46
C TRP A 65 2.17 -19.09 -32.53
N ASP A 66 1.76 -18.97 -33.80
CA ASP A 66 2.64 -19.14 -34.97
C ASP A 66 3.53 -17.92 -35.08
N SER A 67 4.84 -18.10 -34.95
CA SER A 67 5.85 -17.03 -35.05
C SER A 67 6.72 -17.17 -36.29
N SER A 68 6.30 -17.89 -37.34
CA SER A 68 7.08 -17.98 -38.61
C SER A 68 7.29 -16.56 -39.13
N HIS A 69 6.26 -15.70 -39.05
CA HIS A 69 6.29 -14.32 -39.59
C HIS A 69 5.85 -13.32 -38.51
N SER A 70 6.15 -13.57 -37.22
CA SER A 70 5.83 -12.69 -36.06
C SER A 70 6.91 -12.81 -34.98
N PRO A 71 6.97 -11.86 -34.02
CA PRO A 71 7.84 -12.02 -32.86
C PRO A 71 7.58 -13.34 -32.11
N ASP A 72 8.62 -13.99 -31.64
CA ASP A 72 8.49 -15.33 -31.00
C ASP A 72 8.55 -15.17 -29.48
N GLN A 73 8.71 -13.96 -28.98
CA GLN A 73 8.64 -13.63 -27.52
C GLN A 73 8.02 -12.26 -27.29
N VAL A 74 7.27 -12.10 -26.21
CA VAL A 74 6.77 -10.76 -25.78
C VAL A 74 6.86 -10.69 -24.23
N SER A 75 6.97 -9.48 -23.71
CA SER A 75 6.85 -9.17 -22.28
C SER A 75 5.36 -8.96 -21.97
N VAL A 76 4.84 -9.60 -20.93
CA VAL A 76 3.40 -9.57 -20.55
C VAL A 76 3.30 -9.30 -19.05
N PRO A 77 2.42 -8.42 -18.55
CA PRO A 77 2.18 -8.29 -17.11
C PRO A 77 1.67 -9.62 -16.54
N ILE A 78 2.19 -10.01 -15.40
CA ILE A 78 1.83 -11.31 -14.78
C ILE A 78 0.34 -11.31 -14.40
N SER A 79 -0.30 -10.16 -14.24
CA SER A 79 -1.74 -10.11 -13.94
C SER A 79 -2.52 -10.66 -15.13
N SER A 80 -1.97 -10.71 -16.35
CA SER A 80 -2.68 -11.27 -17.53
C SER A 80 -2.45 -12.78 -17.68
N LEU A 81 -1.60 -13.40 -16.87
CA LEU A 81 -1.26 -14.84 -17.01
C LEU A 81 -1.57 -15.61 -15.73
N TRP A 82 -1.64 -16.91 -15.82
CA TRP A 82 -1.58 -17.79 -14.66
C TRP A 82 -0.12 -17.79 -14.18
N VAL A 83 0.08 -17.70 -12.88
CA VAL A 83 1.42 -17.78 -12.25
C VAL A 83 1.33 -18.78 -11.11
N PRO A 84 2.32 -19.65 -10.93
CA PRO A 84 2.28 -20.60 -9.82
C PRO A 84 2.20 -19.90 -8.45
N ASP A 85 1.44 -20.45 -7.52
CA ASP A 85 1.21 -19.84 -6.19
C ASP A 85 2.38 -20.26 -5.25
N LEU A 86 3.62 -19.96 -5.63
CA LEU A 86 4.82 -20.29 -4.85
C LEU A 86 4.89 -19.46 -3.58
N ALA A 87 5.35 -20.07 -2.50
CA ALA A 87 5.62 -19.37 -1.23
C ALA A 87 6.84 -19.99 -0.59
N ALA A 88 7.58 -19.17 0.16
CA ALA A 88 8.71 -19.64 0.97
C ALA A 88 8.11 -20.05 2.31
N TYR A 89 8.23 -21.34 2.68
CA TYR A 89 7.60 -21.89 3.89
C TYR A 89 8.20 -21.24 5.14
N ASN A 90 9.42 -20.73 5.12
CA ASN A 90 10.06 -20.18 6.36
C ASN A 90 10.23 -18.67 6.20
N ALA A 91 9.46 -18.03 5.33
CA ALA A 91 9.48 -16.56 5.16
C ALA A 91 8.86 -15.96 6.41
N ILE A 92 9.38 -14.84 6.88
CA ILE A 92 8.76 -14.10 8.01
C ILE A 92 8.44 -12.69 7.58
N SER A 93 8.53 -12.39 6.29
CA SER A 93 8.03 -11.13 5.70
C SER A 93 7.44 -11.48 4.35
N LYS A 94 6.59 -10.61 3.87
CA LYS A 94 5.99 -10.71 2.54
C LYS A 94 7.10 -10.55 1.52
N PRO A 95 7.02 -11.23 0.37
CA PRO A 95 8.05 -11.04 -0.65
C PRO A 95 7.93 -9.62 -1.20
N GLU A 96 9.00 -8.81 -1.11
CA GLU A 96 9.00 -7.45 -1.71
C GLU A 96 9.61 -7.57 -3.11
N VAL A 97 8.79 -7.45 -4.13
CA VAL A 97 9.19 -7.60 -5.55
C VAL A 97 9.75 -6.26 -5.97
N LEU A 98 11.02 -6.24 -6.33
CA LEU A 98 11.76 -4.98 -6.58
C LEU A 98 11.60 -4.57 -8.03
N THR A 99 11.21 -5.50 -8.91
CA THR A 99 11.33 -5.31 -10.36
C THR A 99 9.94 -5.23 -10.99
N PRO A 100 9.86 -4.70 -12.22
CA PRO A 100 8.60 -4.73 -12.96
C PRO A 100 8.03 -6.15 -13.02
N GLN A 101 6.73 -6.27 -12.78
CA GLN A 101 6.05 -7.58 -12.69
C GLN A 101 5.61 -8.01 -14.08
N LEU A 102 6.60 -8.27 -14.94
CA LEU A 102 6.42 -8.69 -16.33
C LEU A 102 7.08 -10.05 -16.49
N ALA A 103 6.40 -10.94 -17.22
CA ALA A 103 6.93 -12.24 -17.61
C ALA A 103 7.28 -12.19 -19.09
N ARG A 104 8.11 -13.11 -19.55
CA ARG A 104 8.31 -13.35 -21.00
C ARG A 104 7.50 -14.57 -21.40
N VAL A 105 6.74 -14.44 -22.48
CA VAL A 105 5.99 -15.57 -23.04
C VAL A 105 6.61 -15.85 -24.40
N VAL A 106 7.03 -17.11 -24.59
CA VAL A 106 7.61 -17.58 -25.87
C VAL A 106 6.46 -18.19 -26.70
N SER A 107 6.59 -18.14 -28.03
CA SER A 107 5.52 -18.55 -28.98
C SER A 107 5.13 -20.01 -28.77
N ASP A 108 5.95 -20.84 -28.10
CA ASP A 108 5.57 -22.24 -27.83
C ASP A 108 4.79 -22.34 -26.52
N GLY A 109 4.51 -21.23 -25.84
CA GLY A 109 3.75 -21.26 -24.57
C GLY A 109 4.68 -21.39 -23.37
N GLU A 110 6.00 -21.33 -23.55
CA GLU A 110 6.88 -21.34 -22.36
C GLU A 110 6.84 -19.94 -21.74
N VAL A 111 6.78 -19.88 -20.42
CA VAL A 111 6.71 -18.60 -19.67
C VAL A 111 7.96 -18.54 -18.77
N LEU A 112 8.62 -17.40 -18.76
CA LEU A 112 9.72 -17.06 -17.83
C LEU A 112 9.32 -15.84 -17.01
N TYR A 113 9.46 -15.91 -15.70
CA TYR A 113 9.23 -14.80 -14.75
C TYR A 113 10.42 -14.80 -13.76
N VAL A 114 11.10 -13.67 -13.67
CA VAL A 114 12.34 -13.54 -12.85
C VAL A 114 12.21 -12.29 -11.99
N PRO A 115 11.38 -12.35 -10.94
CA PRO A 115 11.31 -11.21 -10.03
C PRO A 115 12.55 -11.17 -9.14
N SER A 116 13.01 -9.97 -8.86
CA SER A 116 14.02 -9.70 -7.82
C SER A 116 13.23 -9.47 -6.54
N ILE A 117 13.48 -10.32 -5.55
CA ILE A 117 12.72 -10.32 -4.28
C ILE A 117 13.66 -10.01 -3.11
N ARG A 118 13.24 -9.08 -2.27
CA ARG A 118 13.85 -8.90 -0.94
C ARG A 118 12.88 -9.51 0.09
N GLN A 119 13.38 -10.42 0.90
CA GLN A 119 12.52 -11.10 1.88
C GLN A 119 13.36 -11.49 3.10
N ARG A 120 12.68 -11.64 4.21
CA ARG A 120 13.28 -12.06 5.49
C ARG A 120 12.87 -13.51 5.77
N PHE A 121 13.83 -14.29 6.29
CA PHE A 121 13.62 -15.72 6.60
C PHE A 121 14.07 -16.04 8.01
N SER A 122 13.41 -17.05 8.58
CA SER A 122 13.82 -17.79 9.78
C SER A 122 14.64 -19.01 9.36
N CYS A 123 15.93 -19.03 9.66
CA CYS A 123 16.80 -20.15 9.26
C CYS A 123 18.07 -20.20 10.14
N ASP A 124 18.86 -21.23 9.94
CA ASP A 124 20.03 -21.51 10.83
C ASP A 124 21.15 -20.52 10.46
N VAL A 125 21.38 -19.53 11.32
CA VAL A 125 22.47 -18.56 11.15
C VAL A 125 23.66 -18.98 12.05
N SER A 126 23.58 -20.10 12.74
CA SER A 126 24.71 -20.58 13.59
C SER A 126 25.95 -20.81 12.71
N GLY A 127 27.12 -20.34 13.14
CA GLY A 127 28.41 -20.46 12.43
C GLY A 127 28.67 -19.36 11.44
N VAL A 128 27.80 -18.34 11.31
CA VAL A 128 27.94 -17.31 10.24
C VAL A 128 29.28 -16.59 10.35
N ASP A 129 29.80 -16.40 11.55
CA ASP A 129 31.05 -15.63 11.82
C ASP A 129 32.25 -16.56 11.85
N THR A 130 32.11 -17.80 11.42
CA THR A 130 33.23 -18.77 11.37
C THR A 130 33.59 -18.98 9.90
N GLU A 131 34.69 -19.66 9.67
CA GLU A 131 35.23 -19.92 8.33
C GLU A 131 34.32 -20.86 7.55
N SER A 132 33.68 -21.81 8.22
CA SER A 132 32.80 -22.82 7.59
C SER A 132 31.43 -22.17 7.30
N GLY A 133 31.08 -21.09 8.03
CA GLY A 133 29.90 -20.28 7.74
C GLY A 133 28.61 -20.92 8.24
N ALA A 134 27.49 -20.25 8.01
CA ALA A 134 26.14 -20.76 8.32
C ALA A 134 25.58 -21.46 7.08
N THR A 135 24.63 -22.36 7.29
CA THR A 135 23.80 -22.90 6.18
C THR A 135 22.34 -22.55 6.44
N CYS A 136 21.82 -21.58 5.71
CA CYS A 136 20.41 -21.12 5.80
C CYS A 136 19.60 -21.84 4.71
N ARG A 137 18.62 -22.64 5.12
CA ARG A 137 17.78 -23.40 4.17
C ARG A 137 16.45 -22.64 3.95
N ILE A 138 16.16 -22.34 2.70
CA ILE A 138 14.89 -21.68 2.26
C ILE A 138 14.07 -22.70 1.45
N LYS A 139 12.84 -22.98 1.87
CA LYS A 139 11.94 -23.95 1.19
C LYS A 139 10.87 -23.17 0.41
N ILE A 140 10.81 -23.37 -0.90
CA ILE A 140 9.82 -22.72 -1.80
C ILE A 140 9.03 -23.78 -2.55
N GLY A 141 7.70 -23.74 -2.41
CA GLY A 141 6.82 -24.58 -3.24
C GLY A 141 5.45 -24.01 -3.34
N SER A 142 4.55 -24.71 -4.02
CA SER A 142 3.15 -24.33 -4.14
C SER A 142 2.52 -24.31 -2.75
N TRP A 143 1.76 -23.28 -2.45
CA TRP A 143 1.04 -23.18 -1.17
C TRP A 143 -0.20 -24.08 -1.24
N THR A 144 -0.94 -24.05 -2.36
CA THR A 144 -2.30 -24.70 -2.42
C THR A 144 -2.42 -25.85 -3.43
N HIS A 145 -1.41 -26.11 -4.26
CA HIS A 145 -1.46 -27.19 -5.28
C HIS A 145 -0.51 -28.32 -4.87
N HIS A 146 -1.04 -29.49 -4.64
CA HIS A 146 -0.23 -30.70 -4.32
C HIS A 146 0.42 -31.23 -5.61
N SER A 147 1.19 -32.31 -5.46
CA SER A 147 2.15 -32.83 -6.48
C SER A 147 1.42 -33.35 -7.73
N ARG A 148 0.13 -33.67 -7.65
CA ARG A 148 -0.66 -34.07 -8.85
C ARG A 148 -1.00 -32.86 -9.73
N GLU A 149 -0.96 -31.64 -9.16
CA GLU A 149 -1.35 -30.38 -9.85
C GLU A 149 -0.12 -29.54 -10.19
N ILE A 150 0.86 -29.45 -9.29
CA ILE A 150 2.13 -28.72 -9.60
C ILE A 150 3.28 -29.59 -9.13
N SER A 151 4.27 -29.76 -9.98
CA SER A 151 5.58 -30.34 -9.61
C SER A 151 6.60 -29.20 -9.63
N VAL A 152 7.48 -29.18 -8.64
CA VAL A 152 8.54 -28.16 -8.54
C VAL A 152 9.88 -28.86 -8.71
N ASP A 153 10.69 -28.38 -9.66
CA ASP A 153 12.04 -28.92 -9.98
C ASP A 153 13.08 -27.80 -9.96
N PRO A 154 14.27 -28.03 -9.37
CA PRO A 154 15.39 -27.08 -9.47
C PRO A 154 16.08 -27.15 -10.82
N THR A 155 17.15 -26.37 -11.02
CA THR A 155 17.98 -26.36 -12.26
C THR A 155 19.46 -26.69 -11.98
N ASP A 160 28.22 -20.79 -11.33
CA ASP A 160 28.83 -19.90 -10.30
C ASP A 160 27.72 -19.33 -9.38
N ASP A 161 27.78 -19.72 -8.12
CA ASP A 161 26.86 -19.31 -7.03
C ASP A 161 26.97 -17.80 -6.78
N SER A 162 28.15 -17.22 -6.96
CA SER A 162 28.43 -15.82 -6.59
C SER A 162 28.36 -14.92 -7.84
N GLU A 163 27.92 -15.43 -8.98
CA GLU A 163 28.19 -14.73 -10.27
C GLU A 163 27.48 -13.35 -10.27
N TYR A 164 26.33 -13.25 -9.62
CA TYR A 164 25.54 -11.98 -9.54
C TYR A 164 25.51 -11.42 -8.11
N PHE A 165 26.26 -12.00 -7.19
CA PHE A 165 26.24 -11.59 -5.77
C PHE A 165 26.98 -10.25 -5.61
N SER A 166 26.45 -9.32 -4.84
CA SER A 166 27.09 -8.00 -4.62
C SER A 166 28.46 -8.18 -3.94
N GLN A 167 29.47 -7.55 -4.50
CA GLN A 167 30.82 -7.48 -3.88
C GLN A 167 30.77 -6.57 -2.65
N TYR A 168 29.68 -5.81 -2.42
CA TYR A 168 29.59 -4.77 -1.36
C TYR A 168 28.86 -5.30 -0.12
N SER A 169 28.24 -6.46 -0.19
CA SER A 169 27.71 -7.17 0.98
C SER A 169 28.83 -7.35 2.01
N ARG A 170 28.49 -7.39 3.28
CA ARG A 170 29.42 -7.75 4.37
C ARG A 170 29.66 -9.25 4.37
N PHE A 171 28.84 -9.98 3.61
CA PHE A 171 28.83 -11.46 3.60
C PHE A 171 29.33 -11.91 2.24
N GLU A 172 29.73 -13.18 2.18
CA GLU A 172 30.13 -13.85 0.93
C GLU A 172 29.51 -15.25 0.91
N ILE A 173 29.28 -15.76 -0.29
CA ILE A 173 28.67 -17.08 -0.54
C ILE A 173 29.78 -18.11 -0.69
N LEU A 174 29.73 -19.16 0.11
CA LEU A 174 30.64 -20.33 -0.01
C LEU A 174 30.01 -21.30 -1.02
N ASP A 175 28.70 -21.50 -0.95
CA ASP A 175 28.05 -22.53 -1.77
C ASP A 175 26.52 -22.35 -1.72
N VAL A 176 25.86 -22.71 -2.82
CA VAL A 176 24.38 -22.81 -2.92
C VAL A 176 24.03 -24.18 -3.50
N THR A 177 23.22 -24.97 -2.81
CA THR A 177 22.65 -26.20 -3.36
C THR A 177 21.12 -26.08 -3.37
N GLN A 178 20.49 -26.59 -4.41
CA GLN A 178 19.03 -26.49 -4.65
C GLN A 178 18.57 -27.92 -4.89
N LYS A 179 17.80 -28.50 -3.95
CA LYS A 179 17.37 -29.91 -4.00
C LYS A 179 15.83 -29.99 -4.00
N LYS A 180 15.30 -30.91 -4.81
CA LYS A 180 13.90 -31.37 -4.77
C LYS A 180 13.57 -31.84 -3.36
N ASN A 181 12.38 -31.52 -2.88
CA ASN A 181 11.88 -32.08 -1.61
C ASN A 181 10.35 -32.05 -1.65
N SER A 182 9.72 -32.58 -0.62
CA SER A 182 8.25 -32.61 -0.50
C SER A 182 7.88 -32.36 0.96
N VAL A 183 6.78 -31.65 1.16
CA VAL A 183 6.14 -31.43 2.50
C VAL A 183 4.79 -32.15 2.47
N THR A 184 4.47 -32.79 3.59
CA THR A 184 3.15 -33.45 3.79
C THR A 184 2.62 -32.94 5.13
N TYR A 185 1.39 -32.42 5.15
CA TYR A 185 0.81 -31.87 6.40
C TYR A 185 0.24 -33.01 7.26
N SER A 186 0.29 -32.85 8.58
CA SER A 186 -0.19 -33.88 9.54
C SER A 186 -1.57 -34.41 9.13
N CYS A 187 -2.51 -33.49 8.90
CA CYS A 187 -3.94 -33.79 8.62
C CYS A 187 -4.20 -34.66 7.38
N CYS A 188 -3.55 -34.41 6.24
CA CYS A 188 -3.94 -35.15 5.02
C CYS A 188 -2.81 -35.99 4.42
N PRO A 189 -3.08 -36.79 3.35
CA PRO A 189 -2.04 -37.60 2.72
C PRO A 189 -1.35 -36.90 1.54
N GLU A 190 -1.92 -35.78 1.08
CA GLU A 190 -1.38 -35.04 -0.08
C GLU A 190 0.02 -34.51 0.21
N ALA A 191 0.91 -34.63 -0.78
CA ALA A 191 2.30 -34.11 -0.74
C ALA A 191 2.39 -32.83 -1.59
N TYR A 192 3.09 -31.81 -1.06
CA TYR A 192 3.35 -30.51 -1.72
C TYR A 192 4.84 -30.48 -2.05
N GLU A 193 5.16 -30.30 -3.32
CA GLU A 193 6.58 -30.33 -3.75
C GLU A 193 7.22 -28.98 -3.41
N ASP A 194 8.51 -29.02 -3.10
CA ASP A 194 9.28 -27.78 -2.89
C ASP A 194 10.69 -27.96 -3.42
N VAL A 195 11.34 -26.83 -3.62
CA VAL A 195 12.82 -26.75 -3.72
C VAL A 195 13.34 -26.27 -2.38
N GLU A 196 14.31 -27.00 -1.87
CA GLU A 196 15.07 -26.62 -0.68
C GLU A 196 16.38 -25.97 -1.13
N VAL A 197 16.54 -24.68 -0.88
CA VAL A 197 17.76 -23.93 -1.31
C VAL A 197 18.62 -23.74 -0.07
N SER A 198 19.80 -24.34 -0.08
CA SER A 198 20.77 -24.30 1.04
C SER A 198 21.82 -23.24 0.72
N LEU A 199 21.75 -22.13 1.41
CA LEU A 199 22.72 -21.02 1.24
C LEU A 199 23.80 -21.14 2.32
N ASN A 200 25.00 -21.54 1.92
CA ASN A 200 26.17 -21.59 2.84
C ASN A 200 26.96 -20.29 2.63
N PHE A 201 26.98 -19.45 3.64
CA PHE A 201 27.57 -18.11 3.56
C PHE A 201 28.26 -17.75 4.87
N ARG A 202 29.10 -16.76 4.84
CA ARG A 202 29.80 -16.30 6.07
C ARG A 202 30.07 -14.81 6.00
N LYS A 203 30.34 -14.25 7.18
CA LYS A 203 30.84 -12.87 7.25
C LYS A 203 32.23 -12.83 6.58
N LYS A 204 32.56 -11.79 5.84
CA LYS A 204 33.90 -11.61 5.25
C LYS A 204 34.99 -11.42 6.33
N ALA B 1 -16.30 -31.93 -17.69
CA ALA B 1 -16.00 -30.52 -17.27
C ALA B 1 -14.55 -30.45 -16.76
N ASP B 2 -13.80 -29.43 -17.15
CA ASP B 2 -12.38 -29.22 -16.78
C ASP B 2 -12.31 -28.13 -15.69
N ARG B 3 -11.10 -27.77 -15.27
CA ARG B 3 -10.89 -26.79 -14.17
C ARG B 3 -11.47 -25.44 -14.59
N ALA B 4 -11.27 -25.06 -15.85
CA ALA B 4 -11.75 -23.77 -16.39
C ALA B 4 -13.28 -23.69 -16.17
N ASP B 5 -14.02 -24.74 -16.57
CA ASP B 5 -15.49 -24.84 -16.39
C ASP B 5 -15.84 -24.72 -14.92
N ILE B 6 -15.13 -25.40 -14.01
CA ILE B 6 -15.46 -25.35 -12.55
C ILE B 6 -15.29 -23.91 -12.09
N LEU B 7 -14.17 -23.26 -12.43
CA LEU B 7 -13.95 -21.88 -11.96
C LEU B 7 -14.96 -20.94 -12.62
N TYR B 8 -15.26 -21.09 -13.91
CA TYR B 8 -16.30 -20.24 -14.56
C TYR B 8 -17.63 -20.40 -13.80
N ASN B 9 -18.03 -21.61 -13.44
CA ASN B 9 -19.33 -21.85 -12.78
C ASN B 9 -19.29 -21.30 -11.36
N ILE B 10 -18.15 -21.37 -10.68
CA ILE B 10 -18.00 -20.75 -9.34
C ILE B 10 -18.18 -19.24 -9.49
N ARG B 11 -17.56 -18.61 -10.47
CA ARG B 11 -17.69 -17.15 -10.69
C ARG B 11 -19.15 -16.81 -10.99
N GLN B 12 -19.86 -17.64 -11.75
CA GLN B 12 -21.29 -17.43 -12.10
C GLN B 12 -22.16 -17.57 -10.85
N THR B 13 -21.84 -18.46 -9.93
CA THR B 13 -22.76 -18.82 -8.81
C THR B 13 -22.33 -18.13 -7.50
N SER B 14 -21.03 -18.06 -7.21
CA SER B 14 -20.47 -17.46 -5.97
C SER B 14 -20.94 -16.01 -5.84
N ARG B 15 -21.34 -15.65 -4.64
CA ARG B 15 -21.71 -14.28 -4.26
C ARG B 15 -20.79 -13.94 -3.10
N PRO B 16 -19.62 -13.33 -3.41
CA PRO B 16 -18.62 -13.04 -2.38
C PRO B 16 -19.16 -12.21 -1.22
N ASP B 17 -20.19 -11.46 -1.47
CA ASP B 17 -20.76 -10.45 -0.56
C ASP B 17 -21.84 -11.10 0.30
N VAL B 18 -22.26 -12.34 0.04
CA VAL B 18 -23.46 -12.94 0.69
C VAL B 18 -23.03 -14.11 1.59
N ILE B 19 -23.31 -14.04 2.87
CA ILE B 19 -22.97 -15.19 3.76
C ILE B 19 -23.79 -16.38 3.29
N PRO B 20 -23.20 -17.59 3.07
CA PRO B 20 -23.96 -18.72 2.53
C PRO B 20 -24.78 -19.49 3.57
N THR B 21 -25.70 -18.85 4.29
CA THR B 21 -26.51 -19.51 5.34
C THR B 21 -27.48 -20.44 4.62
N GLN B 22 -27.66 -21.63 5.19
CA GLN B 22 -28.47 -22.77 4.71
C GLN B 22 -29.57 -22.88 5.77
N ARG B 23 -30.84 -22.98 5.35
CA ARG B 23 -31.99 -22.97 6.30
C ARG B 23 -31.91 -21.58 6.96
N ASP B 24 -32.13 -21.49 8.26
CA ASP B 24 -31.77 -20.26 9.02
C ASP B 24 -30.57 -20.57 9.92
N ARG B 25 -29.67 -21.43 9.46
CA ARG B 25 -28.56 -21.94 10.31
C ARG B 25 -27.41 -20.96 10.18
N PRO B 26 -26.64 -20.73 11.26
CA PRO B 26 -25.36 -20.03 11.16
C PRO B 26 -24.44 -20.83 10.22
N VAL B 27 -23.53 -20.13 9.57
CA VAL B 27 -22.39 -20.78 8.87
C VAL B 27 -21.38 -21.20 9.94
N ALA B 28 -21.01 -22.45 9.94
CA ALA B 28 -20.09 -23.07 10.93
C ALA B 28 -18.68 -22.88 10.38
N VAL B 29 -17.94 -21.98 10.99
CA VAL B 29 -16.54 -21.69 10.60
C VAL B 29 -15.62 -22.36 11.61
N SER B 30 -14.71 -23.18 11.12
CA SER B 30 -13.64 -23.78 11.95
C SER B 30 -12.37 -22.92 11.81
N VAL B 31 -11.80 -22.48 12.92
CA VAL B 31 -10.56 -21.67 12.95
C VAL B 31 -9.59 -22.34 13.89
N SER B 32 -8.38 -22.54 13.41
CA SER B 32 -7.30 -23.25 14.16
C SER B 32 -5.97 -22.60 13.79
N LEU B 33 -5.20 -22.13 14.77
CA LEU B 33 -3.91 -21.47 14.51
C LEU B 33 -2.81 -22.50 14.71
N LYS B 34 -1.84 -22.50 13.79
CA LYS B 34 -0.55 -23.19 13.96
C LYS B 34 0.52 -22.10 14.07
N PHE B 35 1.16 -21.99 15.21
CA PHE B 35 2.24 -21.01 15.42
C PHE B 35 3.52 -21.45 14.69
N ILE B 36 4.10 -20.54 13.92
CA ILE B 36 5.31 -20.81 13.10
C ILE B 36 6.50 -20.09 13.73
N ASN B 37 6.29 -18.91 14.23
CA ASN B 37 7.42 -18.11 14.73
C ASN B 37 6.91 -17.02 15.66
N ILE B 38 7.76 -16.72 16.62
CA ILE B 38 7.53 -15.57 17.54
C ILE B 38 8.71 -14.65 17.32
N LEU B 39 8.47 -13.45 16.82
CA LEU B 39 9.54 -12.63 16.21
C LEU B 39 10.05 -11.59 17.19
N GLU B 40 9.16 -10.94 17.90
CA GLU B 40 9.49 -9.76 18.73
C GLU B 40 8.52 -9.79 19.89
N VAL B 41 9.07 -9.59 21.05
CA VAL B 41 8.33 -9.68 22.30
C VAL B 41 8.78 -8.49 23.12
N ASN B 42 7.86 -7.72 23.66
CA ASN B 42 8.23 -6.57 24.50
C ASN B 42 7.50 -6.71 25.83
N GLU B 43 8.23 -7.02 26.89
CA GLU B 43 7.64 -7.28 28.23
C GLU B 43 7.20 -5.97 28.87
N ILE B 44 7.78 -4.84 28.46
CA ILE B 44 7.40 -3.50 28.99
C ILE B 44 6.08 -3.02 28.35
N THR B 45 5.91 -3.18 27.04
CA THR B 45 4.70 -2.70 26.32
C THR B 45 3.65 -3.82 26.25
N ASN B 46 4.01 -5.06 26.55
CA ASN B 46 3.07 -6.22 26.45
C ASN B 46 2.61 -6.36 25.00
N GLU B 47 3.56 -6.43 24.08
CA GLU B 47 3.28 -6.60 22.61
C GLU B 47 4.11 -7.75 22.10
N VAL B 48 3.50 -8.53 21.22
CA VAL B 48 4.18 -9.67 20.55
C VAL B 48 3.85 -9.57 19.07
N ASP B 49 4.79 -9.94 18.25
CA ASP B 49 4.73 -10.03 16.79
C ASP B 49 4.90 -11.51 16.45
N VAL B 50 3.90 -12.13 15.86
CA VAL B 50 3.89 -13.60 15.63
C VAL B 50 3.55 -13.89 14.15
N VAL B 51 4.04 -15.04 13.69
CA VAL B 51 3.65 -15.66 12.41
C VAL B 51 2.90 -16.96 12.70
N PHE B 52 1.72 -17.10 12.11
CA PHE B 52 0.87 -18.28 12.34
C PHE B 52 0.10 -18.60 11.05
N TRP B 53 -0.18 -19.89 10.86
CA TRP B 53 -1.10 -20.40 9.80
C TRP B 53 -2.49 -20.39 10.39
N GLN B 54 -3.39 -19.61 9.80
CA GLN B 54 -4.78 -19.54 10.28
C GLN B 54 -5.64 -20.49 9.44
N ARG B 55 -5.73 -21.73 9.87
CA ARG B 55 -6.47 -22.77 9.12
C ARG B 55 -7.97 -22.51 9.31
N THR B 56 -8.66 -22.23 8.21
CA THR B 56 -10.07 -21.76 8.23
C THR B 56 -10.86 -22.65 7.30
N THR B 57 -11.97 -23.19 7.77
CA THR B 57 -12.86 -24.02 6.91
C THR B 57 -14.33 -23.67 7.16
N TRP B 58 -15.11 -23.86 6.12
CA TRP B 58 -16.57 -23.66 6.15
C TRP B 58 -17.12 -24.33 4.90
N SER B 59 -18.42 -24.41 4.85
CA SER B 59 -19.14 -25.02 3.72
C SER B 59 -19.96 -23.94 3.00
N ASP B 60 -19.94 -23.96 1.68
CA ASP B 60 -20.76 -23.06 0.83
C ASP B 60 -21.33 -23.98 -0.25
N ARG B 61 -22.52 -24.49 -0.01
CA ARG B 61 -23.15 -25.56 -0.82
C ARG B 61 -23.50 -25.02 -2.22
N THR B 62 -23.60 -23.70 -2.38
CA THR B 62 -23.88 -23.08 -3.69
C THR B 62 -22.71 -23.33 -4.65
N LEU B 63 -21.52 -23.65 -4.14
CA LEU B 63 -20.33 -23.81 -5.01
C LEU B 63 -20.24 -25.25 -5.51
N ALA B 64 -21.03 -26.17 -4.97
CA ALA B 64 -20.86 -27.62 -5.21
C ALA B 64 -21.03 -27.95 -6.69
N TRP B 65 -20.32 -28.98 -7.18
CA TRP B 65 -20.47 -29.45 -8.58
C TRP B 65 -20.35 -30.97 -8.60
N ASP B 66 -20.84 -31.58 -9.66
CA ASP B 66 -20.71 -33.03 -9.93
C ASP B 66 -19.27 -33.28 -10.37
N SER B 67 -18.51 -34.06 -9.60
CA SER B 67 -17.11 -34.42 -9.91
C SER B 67 -16.96 -35.91 -10.21
N SER B 68 -18.02 -36.62 -10.62
CA SER B 68 -17.87 -38.05 -11.00
C SER B 68 -16.86 -38.14 -12.15
N HIS B 69 -16.92 -37.20 -13.11
CA HIS B 69 -16.06 -37.16 -14.32
C HIS B 69 -15.39 -35.79 -14.47
N SER B 70 -15.02 -35.14 -13.35
CA SER B 70 -14.30 -33.83 -13.30
C SER B 70 -13.41 -33.75 -12.07
N PRO B 71 -12.44 -32.81 -12.00
CA PRO B 71 -11.68 -32.60 -10.77
C PRO B 71 -12.60 -32.31 -9.57
N ASP B 72 -12.28 -32.86 -8.41
CA ASP B 72 -13.17 -32.69 -7.23
C ASP B 72 -12.66 -31.56 -6.33
N GLN B 73 -11.55 -30.92 -6.70
CA GLN B 73 -11.01 -29.74 -5.99
C GLN B 73 -10.41 -28.72 -6.96
N VAL B 74 -10.48 -27.42 -6.63
CA VAL B 74 -9.73 -26.37 -7.38
C VAL B 74 -9.21 -25.35 -6.37
N SER B 75 -8.12 -24.68 -6.74
CA SER B 75 -7.63 -23.48 -6.01
C SER B 75 -8.35 -22.28 -6.60
N VAL B 76 -8.92 -21.41 -5.77
CA VAL B 76 -9.72 -20.23 -6.22
C VAL B 76 -9.23 -18.99 -5.48
N PRO B 77 -9.11 -17.81 -6.15
CA PRO B 77 -8.74 -16.59 -5.43
C PRO B 77 -9.87 -16.24 -4.46
N ILE B 78 -9.51 -15.80 -3.27
CA ILE B 78 -10.52 -15.50 -2.22
C ILE B 78 -11.45 -14.38 -2.66
N SER B 79 -11.00 -13.50 -3.56
CA SER B 79 -11.85 -12.42 -4.09
C SER B 79 -13.02 -13.01 -4.87
N SER B 80 -12.99 -14.27 -5.33
CA SER B 80 -14.14 -14.87 -6.04
C SER B 80 -15.10 -15.58 -5.08
N LEU B 81 -14.79 -15.68 -3.78
CA LEU B 81 -15.69 -16.39 -2.83
C LEU B 81 -16.11 -15.52 -1.67
N TRP B 82 -17.15 -15.95 -0.99
CA TRP B 82 -17.45 -15.44 0.37
C TRP B 82 -16.36 -16.01 1.32
N VAL B 83 -15.85 -15.16 2.19
CA VAL B 83 -14.87 -15.52 3.24
C VAL B 83 -15.36 -14.89 4.53
N PRO B 84 -15.29 -15.61 5.67
CA PRO B 84 -15.72 -15.02 6.93
C PRO B 84 -14.90 -13.78 7.30
N ASP B 85 -15.54 -12.78 7.88
CA ASP B 85 -14.92 -11.47 8.24
C ASP B 85 -14.25 -11.63 9.62
N LEU B 86 -13.29 -12.56 9.76
CA LEU B 86 -12.63 -12.84 11.05
C LEU B 86 -11.67 -11.69 11.39
N ALA B 87 -11.56 -11.36 12.66
CA ALA B 87 -10.56 -10.41 13.14
C ALA B 87 -10.11 -10.84 14.53
N ALA B 88 -8.87 -10.49 14.87
CA ALA B 88 -8.30 -10.72 16.20
C ALA B 88 -8.70 -9.51 17.04
N TYR B 89 -9.46 -9.68 18.10
CA TYR B 89 -10.00 -8.57 18.92
C TYR B 89 -8.86 -7.81 19.64
N ASN B 90 -7.71 -8.41 19.88
CA ASN B 90 -6.59 -7.72 20.60
C ASN B 90 -5.42 -7.47 19.62
N ALA B 91 -5.67 -7.49 18.31
CA ALA B 91 -4.67 -7.17 17.29
C ALA B 91 -4.35 -5.69 17.42
N ILE B 92 -3.08 -5.32 17.23
CA ILE B 92 -2.71 -3.87 17.15
C ILE B 92 -2.02 -3.56 15.85
N SER B 93 -2.07 -4.50 14.91
CA SER B 93 -1.68 -4.28 13.50
C SER B 93 -2.66 -5.04 12.62
N LYS B 94 -2.71 -4.62 11.37
CA LYS B 94 -3.48 -5.31 10.33
C LYS B 94 -2.88 -6.69 10.15
N PRO B 95 -3.66 -7.71 9.81
CA PRO B 95 -3.06 -9.00 9.47
C PRO B 95 -2.23 -8.83 8.17
N GLU B 96 -0.96 -9.17 8.20
CA GLU B 96 -0.13 -9.21 6.97
C GLU B 96 -0.17 -10.64 6.44
N VAL B 97 -0.85 -10.86 5.32
CA VAL B 97 -0.94 -12.21 4.69
C VAL B 97 0.32 -12.44 3.87
N LEU B 98 1.10 -13.47 4.21
CA LEU B 98 2.43 -13.68 3.60
C LEU B 98 2.30 -14.57 2.37
N THR B 99 1.19 -15.27 2.18
CA THR B 99 1.05 -16.35 1.17
C THR B 99 0.06 -15.97 0.08
N PRO B 100 0.05 -16.69 -1.03
CA PRO B 100 -0.99 -16.48 -2.06
C PRO B 100 -2.40 -16.58 -1.47
N GLN B 101 -3.24 -15.61 -1.83
CA GLN B 101 -4.62 -15.48 -1.28
C GLN B 101 -5.57 -16.38 -2.08
N LEU B 102 -5.36 -17.68 -1.98
CA LEU B 102 -6.11 -18.73 -2.69
C LEU B 102 -6.72 -19.63 -1.63
N ALA B 103 -7.97 -20.03 -1.84
CA ALA B 103 -8.62 -21.08 -1.04
C ALA B 103 -8.70 -22.37 -1.89
N ARG B 104 -8.92 -23.50 -1.23
CA ARG B 104 -9.32 -24.75 -1.94
C ARG B 104 -10.83 -24.95 -1.78
N VAL B 105 -11.48 -25.22 -2.89
CA VAL B 105 -12.93 -25.49 -2.89
C VAL B 105 -13.07 -26.94 -3.34
N VAL B 106 -13.72 -27.75 -2.52
CA VAL B 106 -14.04 -29.17 -2.84
C VAL B 106 -15.43 -29.21 -3.48
N SER B 107 -15.67 -30.21 -4.33
CA SER B 107 -16.90 -30.33 -5.16
C SER B 107 -18.14 -30.43 -4.26
N ASP B 108 -18.02 -30.76 -2.96
CA ASP B 108 -19.17 -30.78 -2.04
C ASP B 108 -19.42 -29.38 -1.44
N GLY B 109 -18.65 -28.36 -1.82
CA GLY B 109 -18.85 -27.01 -1.28
C GLY B 109 -18.03 -26.76 -0.03
N GLU B 110 -17.16 -27.67 0.38
CA GLU B 110 -16.27 -27.37 1.53
C GLU B 110 -15.14 -26.43 1.04
N VAL B 111 -14.84 -25.41 1.82
CA VAL B 111 -13.79 -24.39 1.49
C VAL B 111 -12.74 -24.45 2.58
N LEU B 112 -11.47 -24.43 2.16
CA LEU B 112 -10.29 -24.39 3.07
C LEU B 112 -9.46 -23.20 2.65
N TYR B 113 -9.13 -22.33 3.60
CA TYR B 113 -8.26 -21.15 3.40
C TYR B 113 -7.24 -21.17 4.55
N VAL B 114 -5.97 -21.18 4.22
CA VAL B 114 -4.87 -21.26 5.24
C VAL B 114 -3.84 -20.19 4.94
N PRO B 115 -4.14 -18.91 5.21
CA PRO B 115 -3.14 -17.87 5.06
C PRO B 115 -2.08 -17.99 6.16
N SER B 116 -0.83 -17.70 5.79
CA SER B 116 0.25 -17.43 6.76
C SER B 116 0.16 -15.95 7.11
N ILE B 117 -0.06 -15.64 8.37
CA ILE B 117 -0.28 -14.27 8.86
C ILE B 117 0.85 -13.85 9.80
N ARG B 118 1.41 -12.67 9.55
CA ARG B 118 2.22 -11.95 10.53
C ARG B 118 1.41 -10.82 11.13
N GLN B 119 1.30 -10.76 12.44
CA GLN B 119 0.43 -9.78 13.11
C GLN B 119 0.94 -9.52 14.51
N ARG B 120 0.65 -8.33 15.03
CA ARG B 120 1.09 -7.87 16.35
C ARG B 120 -0.13 -7.80 17.27
N PHE B 121 0.06 -8.18 18.53
CA PHE B 121 -1.00 -8.30 19.54
C PHE B 121 -0.56 -7.63 20.82
N SER B 122 -1.58 -7.10 21.50
CA SER B 122 -1.56 -6.65 22.91
C SER B 122 -1.97 -7.84 23.77
N CYS B 123 -1.05 -8.36 24.56
CA CYS B 123 -1.37 -9.54 25.41
C CYS B 123 -0.37 -9.63 26.57
N ASP B 124 -0.62 -10.56 27.47
CA ASP B 124 0.21 -10.68 28.70
C ASP B 124 1.56 -11.31 28.32
N VAL B 125 2.61 -10.51 28.29
CA VAL B 125 3.99 -11.00 27.99
C VAL B 125 4.74 -11.18 29.31
N SER B 126 4.12 -10.88 30.45
CA SER B 126 4.80 -11.05 31.76
C SER B 126 5.18 -12.54 31.92
N GLY B 127 6.44 -12.80 32.33
CA GLY B 127 6.85 -14.18 32.59
C GLY B 127 7.55 -14.82 31.42
N VAL B 128 7.73 -14.15 30.31
CA VAL B 128 8.36 -14.76 29.09
C VAL B 128 9.79 -15.28 29.41
N ASP B 129 10.52 -14.59 30.29
CA ASP B 129 11.90 -14.98 30.71
C ASP B 129 11.81 -15.67 32.07
N THR B 130 10.81 -16.52 32.26
CA THR B 130 10.69 -17.44 33.42
C THR B 130 10.39 -18.85 32.92
N GLU B 131 10.47 -19.81 33.81
CA GLU B 131 10.32 -21.24 33.48
C GLU B 131 8.87 -21.53 33.07
N SER B 132 7.92 -20.87 33.68
CA SER B 132 6.48 -21.14 33.45
C SER B 132 6.05 -20.34 32.22
N GLY B 133 6.81 -19.31 31.81
CA GLY B 133 6.64 -18.61 30.54
C GLY B 133 5.51 -17.59 30.59
N ALA B 134 5.27 -16.89 29.48
CA ALA B 134 4.13 -15.96 29.33
C ALA B 134 2.97 -16.74 28.74
N THR B 135 1.75 -16.27 28.99
CA THR B 135 0.56 -16.81 28.30
C THR B 135 -0.10 -15.63 27.60
N CYS B 136 0.05 -15.58 26.28
CA CYS B 136 -0.53 -14.54 25.42
C CYS B 136 -1.85 -15.11 24.85
N ARG B 137 -2.97 -14.47 25.14
CA ARG B 137 -4.31 -14.91 24.67
C ARG B 137 -4.68 -14.09 23.43
N ILE B 138 -4.98 -14.75 22.33
CA ILE B 138 -5.46 -14.12 21.05
C ILE B 138 -6.92 -14.52 20.82
N LYS B 139 -7.82 -13.55 20.69
CA LYS B 139 -9.28 -13.83 20.46
C LYS B 139 -9.63 -13.53 19.00
N ILE B 140 -10.09 -14.53 18.25
CA ILE B 140 -10.51 -14.38 16.84
C ILE B 140 -11.97 -14.77 16.65
N GLY B 141 -12.75 -13.88 16.08
CA GLY B 141 -14.16 -14.19 15.70
C GLY B 141 -14.59 -13.24 14.61
N SER B 142 -15.83 -13.41 14.16
CA SER B 142 -16.46 -12.51 13.19
C SER B 142 -16.52 -11.10 13.79
N TRP B 143 -16.22 -10.12 12.98
CA TRP B 143 -16.32 -8.72 13.44
C TRP B 143 -17.81 -8.29 13.38
N THR B 144 -18.53 -8.67 12.32
CA THR B 144 -19.87 -8.09 12.06
C THR B 144 -21.02 -9.11 12.06
N HIS B 145 -20.76 -10.42 12.14
CA HIS B 145 -21.79 -11.47 12.12
C HIS B 145 -21.91 -12.09 13.50
N HIS B 146 -23.06 -11.97 14.13
CA HIS B 146 -23.35 -12.57 15.45
C HIS B 146 -23.60 -14.08 15.30
N SER B 147 -23.84 -14.75 16.41
CA SER B 147 -23.81 -16.25 16.55
C SER B 147 -24.96 -16.90 15.73
N ARG B 148 -26.01 -16.16 15.38
CA ARG B 148 -27.10 -16.70 14.52
C ARG B 148 -26.67 -16.70 13.05
N GLU B 149 -25.63 -15.97 12.69
CA GLU B 149 -25.10 -15.85 11.30
C GLU B 149 -23.77 -16.64 11.17
N ILE B 150 -22.86 -16.52 12.13
CA ILE B 150 -21.60 -17.28 12.08
C ILE B 150 -21.35 -17.88 13.46
N SER B 151 -21.06 -19.18 13.49
CA SER B 151 -20.58 -19.87 14.69
C SER B 151 -19.10 -20.19 14.45
N VAL B 152 -18.29 -20.00 15.49
CA VAL B 152 -16.82 -20.25 15.40
C VAL B 152 -16.51 -21.41 16.34
N ASP B 153 -15.90 -22.45 15.78
CA ASP B 153 -15.46 -23.68 16.52
C ASP B 153 -13.94 -23.90 16.33
N PRO B 154 -13.20 -24.23 17.42
CA PRO B 154 -11.82 -24.69 17.30
C PRO B 154 -11.77 -26.13 16.81
N THR B 155 -10.60 -26.76 16.75
CA THR B 155 -10.44 -28.19 16.36
C THR B 155 -9.51 -28.90 17.37
N ASP B 161 1.68 -29.28 18.80
CA ASP B 161 1.66 -27.86 19.25
C ASP B 161 2.85 -27.12 18.64
N SER B 162 4.02 -27.74 18.70
CA SER B 162 5.26 -27.19 18.09
C SER B 162 5.49 -27.84 16.73
N GLU B 163 4.51 -28.53 16.16
CA GLU B 163 4.75 -29.40 14.98
C GLU B 163 5.30 -28.57 13.83
N TYR B 164 4.83 -27.31 13.67
CA TYR B 164 5.28 -26.43 12.57
C TYR B 164 6.04 -25.21 13.11
N PHE B 165 6.35 -25.18 14.40
CA PHE B 165 7.05 -24.02 15.02
C PHE B 165 8.51 -24.05 14.60
N SER B 166 9.11 -22.92 14.23
CA SER B 166 10.53 -22.90 13.79
C SER B 166 11.43 -23.42 14.94
N GLN B 167 12.30 -24.36 14.65
CA GLN B 167 13.32 -24.82 15.64
C GLN B 167 14.36 -23.71 15.85
N TYR B 168 14.38 -22.65 15.01
CA TYR B 168 15.42 -21.59 15.03
C TYR B 168 14.98 -20.37 15.82
N SER B 169 13.72 -20.29 16.21
CA SER B 169 13.22 -19.24 17.12
C SER B 169 14.03 -19.29 18.43
N ARG B 170 14.24 -18.14 19.06
CA ARG B 170 14.77 -17.93 20.42
C ARG B 170 13.74 -18.44 21.44
N PHE B 171 12.48 -18.61 21.01
CA PHE B 171 11.37 -18.98 21.91
C PHE B 171 11.02 -20.44 21.71
N GLU B 172 10.43 -21.02 22.74
CA GLU B 172 9.85 -22.38 22.63
C GLU B 172 8.41 -22.33 23.15
N ILE B 173 7.58 -23.18 22.57
CA ILE B 173 6.15 -23.28 22.92
C ILE B 173 5.99 -24.34 23.99
N LEU B 174 5.42 -23.95 25.12
CA LEU B 174 5.14 -24.88 26.25
C LEU B 174 3.76 -25.49 25.99
N ASP B 175 2.82 -24.71 25.47
CA ASP B 175 1.44 -25.21 25.26
C ASP B 175 0.63 -24.19 24.43
N VAL B 176 -0.29 -24.70 23.62
CA VAL B 176 -1.34 -23.91 22.94
C VAL B 176 -2.70 -24.55 23.25
N THR B 177 -3.63 -23.78 23.80
CA THR B 177 -5.04 -24.27 24.00
C THR B 177 -5.97 -23.34 23.21
N GLN B 178 -6.98 -23.93 22.58
CA GLN B 178 -7.91 -23.19 21.66
C GLN B 178 -9.31 -23.48 22.21
N LYS B 179 -9.97 -22.49 22.81
CA LYS B 179 -11.28 -22.68 23.49
C LYS B 179 -12.34 -21.78 22.85
N LYS B 180 -13.52 -22.36 22.61
CA LYS B 180 -14.72 -21.63 22.13
C LYS B 180 -15.09 -20.58 23.18
N ASN B 181 -15.52 -19.42 22.75
CA ASN B 181 -15.99 -18.36 23.67
C ASN B 181 -16.99 -17.47 22.91
N SER B 182 -17.59 -16.53 23.63
CA SER B 182 -18.49 -15.53 23.02
C SER B 182 -18.24 -14.15 23.65
N VAL B 183 -18.44 -13.11 22.86
CA VAL B 183 -18.40 -11.69 23.32
C VAL B 183 -19.82 -11.13 23.11
N THR B 184 -20.37 -10.46 24.10
CA THR B 184 -21.61 -9.64 23.96
C THR B 184 -21.22 -8.20 24.30
N TYR B 185 -21.83 -7.24 23.61
CA TYR B 185 -21.55 -5.81 23.82
C TYR B 185 -22.68 -5.25 24.70
N SER B 186 -22.31 -4.44 25.70
CA SER B 186 -23.23 -3.80 26.69
C SER B 186 -24.43 -3.16 25.96
N CYS B 187 -24.17 -2.57 24.79
CA CYS B 187 -25.16 -1.92 23.89
C CYS B 187 -26.30 -2.87 23.51
N CYS B 188 -26.02 -4.07 23.00
CA CYS B 188 -26.90 -4.81 22.03
C CYS B 188 -27.04 -6.27 22.41
N PRO B 189 -28.11 -6.95 21.93
CA PRO B 189 -28.44 -8.31 22.41
C PRO B 189 -27.47 -9.36 21.89
N GLU B 190 -26.97 -9.11 20.68
CA GLU B 190 -26.21 -10.05 19.82
C GLU B 190 -24.97 -10.52 20.57
N ALA B 191 -24.75 -11.83 20.55
CA ALA B 191 -23.49 -12.50 20.95
C ALA B 191 -22.64 -12.79 19.71
N TYR B 192 -21.33 -12.50 19.79
CA TYR B 192 -20.33 -12.75 18.72
C TYR B 192 -19.48 -13.91 19.18
N GLU B 193 -19.41 -14.98 18.38
CA GLU B 193 -18.59 -16.13 18.78
C GLU B 193 -17.12 -15.83 18.48
N ASP B 194 -16.25 -16.40 19.30
CA ASP B 194 -14.80 -16.34 19.04
C ASP B 194 -14.14 -17.66 19.47
N VAL B 195 -12.93 -17.85 18.98
CA VAL B 195 -11.94 -18.79 19.55
C VAL B 195 -10.93 -17.95 20.35
N GLU B 196 -10.69 -18.37 21.56
CA GLU B 196 -9.63 -17.85 22.43
C GLU B 196 -8.42 -18.79 22.33
N VAL B 197 -7.32 -18.33 21.73
CA VAL B 197 -6.09 -19.14 21.57
C VAL B 197 -5.08 -18.68 22.63
N SER B 198 -4.73 -19.55 23.56
CA SER B 198 -3.78 -19.28 24.66
C SER B 198 -2.41 -19.83 24.26
N LEU B 199 -1.48 -18.94 23.96
CA LEU B 199 -0.09 -19.32 23.57
C LEU B 199 0.81 -19.20 24.81
N ASN B 200 1.24 -20.31 25.37
CA ASN B 200 2.16 -20.34 26.53
C ASN B 200 3.57 -20.63 25.98
N PHE B 201 4.45 -19.66 26.09
CA PHE B 201 5.81 -19.76 25.51
C PHE B 201 6.83 -19.10 26.44
N ARG B 202 8.11 -19.41 26.25
CA ARG B 202 9.23 -18.81 27.04
C ARG B 202 10.49 -18.72 26.21
N LYS B 203 11.43 -17.91 26.69
CA LYS B 203 12.80 -17.88 26.11
C LYS B 203 13.42 -19.26 26.33
N LYS B 204 14.10 -19.79 25.30
CA LYS B 204 14.95 -20.99 25.43
C LYS B 204 16.31 -20.67 26.08
N GLY B 205 16.92 -21.66 26.75
CA GLY B 205 18.29 -21.63 27.26
C GLY B 205 18.41 -20.91 28.59
N ARG B 206 17.31 -20.76 29.34
CA ARG B 206 17.34 -20.12 30.69
C ARG B 206 18.23 -20.95 31.61
N SER B 207 18.92 -20.31 32.57
CA SER B 207 19.59 -21.03 33.65
C SER B 207 18.56 -21.92 34.38
N ALA C 1 -37.89 -12.47 0.32
CA ALA C 1 -36.52 -12.08 -0.11
C ALA C 1 -35.49 -12.73 0.83
N ASP C 2 -34.40 -13.24 0.25
CA ASP C 2 -33.26 -13.82 1.03
C ASP C 2 -32.14 -12.79 1.12
N ARG C 3 -31.03 -13.17 1.73
CA ARG C 3 -29.90 -12.25 1.99
C ARG C 3 -29.35 -11.76 0.66
N ALA C 4 -29.24 -12.67 -0.31
CA ALA C 4 -28.68 -12.36 -1.63
C ALA C 4 -29.52 -11.23 -2.27
N ASP C 5 -30.85 -11.35 -2.26
CA ASP C 5 -31.79 -10.30 -2.79
C ASP C 5 -31.57 -8.99 -2.06
N ILE C 6 -31.47 -9.00 -0.73
CA ILE C 6 -31.29 -7.74 0.04
C ILE C 6 -29.97 -7.09 -0.41
N LEU C 7 -28.89 -7.85 -0.48
CA LEU C 7 -27.57 -7.26 -0.85
C LEU C 7 -27.61 -6.83 -2.31
N TYR C 8 -28.20 -7.60 -3.21
CA TYR C 8 -28.32 -7.16 -4.63
C TYR C 8 -29.05 -5.79 -4.68
N ASN C 9 -30.15 -5.63 -3.93
CA ASN C 9 -30.95 -4.37 -3.96
C ASN C 9 -30.17 -3.23 -3.34
N ILE C 10 -29.39 -3.49 -2.30
CA ILE C 10 -28.52 -2.46 -1.69
C ILE C 10 -27.49 -2.00 -2.74
N ARG C 11 -26.85 -2.95 -3.41
CA ARG C 11 -25.87 -2.62 -4.46
C ARG C 11 -26.53 -1.80 -5.57
N GLN C 12 -27.75 -2.15 -5.98
CA GLN C 12 -28.48 -1.45 -7.07
C GLN C 12 -28.87 -0.05 -6.61
N THR C 13 -29.15 0.17 -5.33
CA THR C 13 -29.77 1.42 -4.82
C THR C 13 -28.70 2.38 -4.24
N SER C 14 -27.64 1.85 -3.62
CA SER C 14 -26.70 2.66 -2.85
C SER C 14 -26.01 3.71 -3.74
N ARG C 15 -25.83 4.91 -3.22
CA ARG C 15 -25.10 6.02 -3.86
C ARG C 15 -23.94 6.41 -2.95
N PRO C 16 -22.76 5.76 -3.13
CA PRO C 16 -21.67 5.95 -2.20
C PRO C 16 -21.20 7.39 -2.15
N ASP C 17 -21.41 8.18 -3.21
CA ASP C 17 -20.81 9.53 -3.21
C ASP C 17 -21.87 10.56 -2.86
N VAL C 18 -23.11 10.17 -2.53
CA VAL C 18 -24.21 11.15 -2.33
C VAL C 18 -24.65 11.13 -0.87
N ILE C 19 -24.56 12.27 -0.20
CA ILE C 19 -24.95 12.29 1.23
C ILE C 19 -26.48 12.02 1.28
N PRO C 20 -26.98 11.06 2.09
CA PRO C 20 -28.39 10.69 2.06
C PRO C 20 -29.30 11.60 2.90
N THR C 21 -29.35 12.89 2.57
CA THR C 21 -30.10 13.89 3.37
C THR C 21 -31.57 13.60 3.11
N GLN C 22 -32.36 13.70 4.17
CA GLN C 22 -33.83 13.50 4.14
C GLN C 22 -34.42 14.90 4.29
N ARG C 23 -35.29 15.28 3.36
CA ARG C 23 -36.00 16.59 3.46
C ARG C 23 -34.89 17.62 3.24
N ASP C 24 -34.84 18.70 4.03
CA ASP C 24 -33.65 19.60 3.97
C ASP C 24 -32.76 19.40 5.21
N ARG C 25 -32.82 18.21 5.82
CA ARG C 25 -32.21 17.98 7.14
C ARG C 25 -30.74 17.60 6.90
N PRO C 26 -29.84 18.00 7.82
CA PRO C 26 -28.52 17.39 7.89
C PRO C 26 -28.67 15.88 8.12
N VAL C 27 -27.71 15.08 7.65
CA VAL C 27 -27.57 13.66 8.07
C VAL C 27 -27.03 13.66 9.50
N ALA C 28 -27.75 13.00 10.41
CA ALA C 28 -27.41 12.92 11.84
C ALA C 28 -26.45 11.72 11.98
N VAL C 29 -25.20 12.02 12.27
CA VAL C 29 -24.17 10.98 12.46
C VAL C 29 -23.88 10.89 13.95
N SER C 30 -23.98 9.70 14.51
CA SER C 30 -23.57 9.44 15.91
C SER C 30 -22.17 8.83 15.92
N VAL C 31 -21.26 9.40 16.70
CA VAL C 31 -19.85 8.92 16.85
C VAL C 31 -19.56 8.75 18.32
N SER C 32 -19.00 7.60 18.67
CA SER C 32 -18.60 7.27 20.06
C SER C 32 -17.33 6.42 19.98
N LEU C 33 -16.27 6.84 20.68
CA LEU C 33 -15.00 6.07 20.72
C LEU C 33 -14.99 5.19 21.95
N LYS C 34 -14.56 3.95 21.76
CA LYS C 34 -14.27 3.01 22.85
C LYS C 34 -12.76 2.80 22.82
N PHE C 35 -12.03 3.27 23.83
CA PHE C 35 -10.56 3.09 23.84
C PHE C 35 -10.20 1.64 24.17
N ILE C 36 -9.33 1.06 23.36
CA ILE C 36 -8.89 -0.35 23.50
C ILE C 36 -7.46 -0.36 24.03
N ASN C 37 -6.62 0.55 23.58
CA ASN C 37 -5.21 0.51 23.96
C ASN C 37 -4.59 1.88 23.79
N ILE C 38 -3.60 2.15 24.62
CA ILE C 38 -2.69 3.30 24.48
C ILE C 38 -1.31 2.69 24.40
N LEU C 39 -0.67 2.82 23.26
CA LEU C 39 0.50 1.98 22.89
C LEU C 39 1.78 2.72 23.14
N GLU C 40 1.81 4.02 22.91
CA GLU C 40 3.05 4.83 22.97
C GLU C 40 2.59 6.21 23.35
N VAL C 41 3.37 6.81 24.23
CA VAL C 41 3.10 8.17 24.68
C VAL C 41 4.44 8.86 24.69
N ASN C 42 4.51 10.10 24.25
CA ASN C 42 5.77 10.85 24.32
C ASN C 42 5.47 12.18 24.99
N GLU C 43 5.96 12.36 26.23
CA GLU C 43 5.67 13.57 27.02
C GLU C 43 6.46 14.75 26.48
N ILE C 44 7.58 14.51 25.80
CA ILE C 44 8.41 15.60 25.23
C ILE C 44 7.78 16.12 23.93
N THR C 45 7.32 15.23 23.05
CA THR C 45 6.74 15.63 21.74
C THR C 45 5.23 15.83 21.84
N ASN C 46 4.58 15.42 22.94
CA ASN C 46 3.10 15.54 23.08
C ASN C 46 2.43 14.73 21.95
N GLU C 47 2.79 13.45 21.83
CA GLU C 47 2.23 12.53 20.81
C GLU C 47 1.79 11.26 21.50
N VAL C 48 0.68 10.72 21.07
CA VAL C 48 0.15 9.42 21.59
C VAL C 48 -0.22 8.58 20.37
N ASP C 49 -0.10 7.27 20.54
CA ASP C 49 -0.50 6.25 19.57
C ASP C 49 -1.57 5.42 20.27
N VAL C 50 -2.79 5.43 19.75
CA VAL C 50 -3.96 4.79 20.45
C VAL C 50 -4.71 3.88 19.46
N VAL C 51 -5.37 2.87 20.03
CA VAL C 51 -6.33 1.98 19.35
C VAL C 51 -7.71 2.23 19.94
N PHE C 52 -8.69 2.50 19.07
CA PHE C 52 -10.08 2.72 19.52
C PHE C 52 -11.04 2.14 18.48
N TRP C 53 -12.20 1.71 18.96
CA TRP C 53 -13.39 1.35 18.15
C TRP C 53 -14.20 2.62 17.94
N GLN C 54 -14.34 3.02 16.70
CA GLN C 54 -15.07 4.25 16.36
C GLN C 54 -16.50 3.88 15.97
N ARG C 55 -17.38 3.81 16.95
CA ARG C 55 -18.78 3.38 16.72
C ARG C 55 -19.51 4.51 16.03
N THR C 56 -19.96 4.26 14.81
CA THR C 56 -20.51 5.31 13.91
C THR C 56 -21.87 4.81 13.43
N THR C 57 -22.90 5.63 13.56
CA THR C 57 -24.24 5.29 13.03
C THR C 57 -24.84 6.48 12.29
N TRP C 58 -25.69 6.14 11.34
CA TRP C 58 -26.47 7.13 10.56
C TRP C 58 -27.58 6.35 9.86
N SER C 59 -28.45 7.08 9.21
CA SER C 59 -29.56 6.53 8.44
C SER C 59 -29.36 6.80 6.94
N ASP C 60 -29.61 5.81 6.09
CA ASP C 60 -29.85 6.00 4.64
C ASP C 60 -31.16 5.27 4.31
N ARG C 61 -32.27 6.00 4.34
CA ARG C 61 -33.63 5.41 4.21
C ARG C 61 -33.85 4.81 2.81
N THR C 62 -33.06 5.20 1.81
CA THR C 62 -33.17 4.62 0.44
C THR C 62 -32.81 3.12 0.49
N LEU C 63 -32.08 2.66 1.51
CA LEU C 63 -31.63 1.25 1.55
C LEU C 63 -32.70 0.37 2.22
N ALA C 64 -33.74 0.95 2.80
CA ALA C 64 -34.76 0.21 3.60
C ALA C 64 -35.43 -0.90 2.78
N TRP C 65 -35.81 -1.99 3.43
CA TRP C 65 -36.59 -3.08 2.77
C TRP C 65 -37.62 -3.60 3.78
N ASP C 66 -38.62 -4.29 3.26
CA ASP C 66 -39.66 -4.96 4.09
C ASP C 66 -39.02 -6.25 4.62
N SER C 67 -38.92 -6.37 5.95
CA SER C 67 -38.31 -7.56 6.61
C SER C 67 -39.35 -8.33 7.41
N SER C 68 -40.64 -8.22 7.09
CA SER C 68 -41.70 -9.03 7.79
C SER C 68 -41.33 -10.51 7.64
N HIS C 69 -40.89 -10.92 6.45
CA HIS C 69 -40.56 -12.33 6.12
C HIS C 69 -39.16 -12.44 5.51
N SER C 70 -38.22 -11.58 5.92
CA SER C 70 -36.81 -11.54 5.43
C SER C 70 -35.88 -11.14 6.57
N PRO C 71 -34.56 -11.41 6.45
CA PRO C 71 -33.59 -10.90 7.43
C PRO C 71 -33.68 -9.37 7.57
N ASP C 72 -33.52 -8.91 8.81
CA ASP C 72 -33.73 -7.51 9.27
C ASP C 72 -32.37 -6.75 9.14
N GLN C 73 -31.26 -7.46 8.96
CA GLN C 73 -29.89 -6.88 8.97
C GLN C 73 -28.94 -7.65 8.06
N VAL C 74 -28.02 -6.97 7.38
CA VAL C 74 -26.97 -7.64 6.55
C VAL C 74 -25.65 -6.89 6.76
N SER C 75 -24.56 -7.58 6.59
CA SER C 75 -23.19 -7.02 6.56
C SER C 75 -22.91 -6.56 5.12
N VAL C 76 -22.46 -5.33 4.93
CA VAL C 76 -22.16 -4.75 3.58
C VAL C 76 -20.77 -4.14 3.56
N PRO C 77 -19.94 -4.33 2.51
CA PRO C 77 -18.66 -3.60 2.44
C PRO C 77 -18.93 -2.12 2.36
N ILE C 78 -18.17 -1.32 3.11
CA ILE C 78 -18.39 0.14 3.16
C ILE C 78 -18.13 0.72 1.77
N SER C 79 -17.34 0.07 0.94
CA SER C 79 -17.08 0.56 -0.43
C SER C 79 -18.40 0.56 -1.22
N SER C 80 -19.44 -0.18 -0.83
CA SER C 80 -20.78 -0.13 -1.50
C SER C 80 -21.67 0.97 -0.95
N LEU C 81 -21.29 1.65 0.17
CA LEU C 81 -22.23 2.59 0.86
C LEU C 81 -21.67 4.00 0.89
N TRP C 82 -22.55 4.98 1.08
CA TRP C 82 -22.13 6.30 1.56
C TRP C 82 -21.64 6.14 3.02
N VAL C 83 -20.52 6.76 3.34
CA VAL C 83 -19.95 6.80 4.71
C VAL C 83 -19.60 8.25 4.99
N PRO C 84 -19.89 8.76 6.20
CA PRO C 84 -19.51 10.12 6.54
C PRO C 84 -18.00 10.33 6.45
N ASP C 85 -17.58 11.51 5.96
CA ASP C 85 -16.16 11.82 5.70
C ASP C 85 -15.52 12.34 7.01
N LEU C 86 -15.49 11.50 8.05
CA LEU C 86 -15.01 11.93 9.39
C LEU C 86 -13.49 12.01 9.35
N ALA C 87 -12.91 12.98 10.04
CA ALA C 87 -11.47 13.05 10.29
C ALA C 87 -11.22 13.56 11.72
N ALA C 88 -10.09 13.16 12.27
CA ALA C 88 -9.61 13.62 13.57
C ALA C 88 -8.77 14.86 13.28
N TYR C 89 -9.15 16.03 13.77
CA TYR C 89 -8.50 17.30 13.37
C TYR C 89 -7.04 17.33 13.87
N ASN C 90 -6.68 16.58 14.92
CA ASN C 90 -5.32 16.66 15.50
C ASN C 90 -4.60 15.33 15.26
N ALA C 91 -5.06 14.51 14.30
CA ALA C 91 -4.39 13.27 13.88
C ALA C 91 -3.06 13.66 13.22
N ILE C 92 -2.01 12.89 13.48
CA ILE C 92 -0.70 13.11 12.80
C ILE C 92 -0.27 11.84 12.06
N SER C 93 -1.18 10.88 11.94
CA SER C 93 -1.06 9.72 11.03
C SER C 93 -2.46 9.46 10.46
N LYS C 94 -2.46 8.78 9.34
CA LYS C 94 -3.68 8.27 8.69
C LYS C 94 -4.33 7.28 9.63
N PRO C 95 -5.67 7.19 9.66
CA PRO C 95 -6.31 6.18 10.46
C PRO C 95 -5.99 4.80 9.89
N GLU C 96 -5.41 3.91 10.67
CA GLU C 96 -5.12 2.51 10.24
C GLU C 96 -6.31 1.65 10.70
N VAL C 97 -7.14 1.23 9.76
CA VAL C 97 -8.33 0.38 10.08
C VAL C 97 -7.86 -1.07 10.18
N LEU C 98 -7.98 -1.67 11.35
CA LEU C 98 -7.40 -2.99 11.67
C LEU C 98 -8.40 -4.09 11.29
N THR C 99 -9.69 -3.77 11.07
CA THR C 99 -10.75 -4.79 11.04
C THR C 99 -11.35 -4.85 9.65
N PRO C 100 -12.09 -5.91 9.33
CA PRO C 100 -12.81 -5.96 8.05
C PRO C 100 -13.71 -4.72 7.88
N GLN C 101 -13.66 -4.13 6.70
CA GLN C 101 -14.34 -2.84 6.39
C GLN C 101 -15.77 -3.13 5.96
N LEU C 102 -16.58 -3.64 6.89
CA LEU C 102 -17.99 -4.00 6.70
C LEU C 102 -18.81 -3.19 7.68
N ALA C 103 -19.95 -2.71 7.18
CA ALA C 103 -20.99 -2.04 7.98
C ALA C 103 -22.14 -2.99 8.14
N ARG C 104 -23.00 -2.73 9.12
CA ARG C 104 -24.31 -3.39 9.22
C ARG C 104 -25.39 -2.44 8.72
N VAL C 105 -26.24 -2.94 7.86
CA VAL C 105 -27.39 -2.17 7.35
C VAL C 105 -28.65 -2.86 7.89
N VAL C 106 -29.48 -2.11 8.60
CA VAL C 106 -30.77 -2.56 9.17
C VAL C 106 -31.89 -2.24 8.16
N SER C 107 -32.96 -3.04 8.18
CA SER C 107 -34.06 -2.97 7.17
C SER C 107 -34.73 -1.59 7.18
N ASP C 108 -34.58 -0.78 8.23
CA ASP C 108 -35.16 0.59 8.28
C ASP C 108 -34.16 1.60 7.67
N GLY C 109 -33.00 1.16 7.16
CA GLY C 109 -32.01 2.06 6.59
C GLY C 109 -30.99 2.57 7.59
N GLU C 110 -31.02 2.08 8.82
CA GLU C 110 -29.96 2.47 9.78
C GLU C 110 -28.64 1.74 9.42
N VAL C 111 -27.53 2.45 9.46
CA VAL C 111 -26.19 1.91 9.14
C VAL C 111 -25.33 2.03 10.39
N LEU C 112 -24.66 0.94 10.74
CA LEU C 112 -23.67 0.89 11.83
C LEU C 112 -22.31 0.49 11.24
N TYR C 113 -21.27 1.23 11.54
CA TYR C 113 -19.87 0.94 11.14
C TYR C 113 -18.99 1.15 12.37
N VAL C 114 -18.24 0.14 12.74
CA VAL C 114 -17.40 0.16 13.96
C VAL C 114 -16.00 -0.33 13.58
N PRO C 115 -15.21 0.48 12.86
CA PRO C 115 -13.83 0.10 12.59
C PRO C 115 -12.98 0.20 13.86
N SER C 116 -12.04 -0.72 14.02
CA SER C 116 -10.96 -0.60 15.02
C SER C 116 -9.83 0.17 14.34
N ILE C 117 -9.48 1.31 14.91
CA ILE C 117 -8.52 2.26 14.32
C ILE C 117 -7.31 2.41 15.26
N ARG C 118 -6.12 2.25 14.69
CA ARG C 118 -4.86 2.68 15.31
C ARG C 118 -4.42 3.99 14.66
N GLN C 119 -4.13 5.01 15.41
CA GLN C 119 -3.85 6.35 14.88
C GLN C 119 -3.03 7.13 15.93
N ARG C 120 -2.25 8.07 15.46
CA ARG C 120 -1.35 8.90 16.29
C ARG C 120 -1.91 10.33 16.34
N PHE C 121 -1.85 10.94 17.52
CA PHE C 121 -2.41 12.29 17.74
C PHE C 121 -1.39 13.20 18.41
N SER C 122 -1.52 14.48 18.10
CA SER C 122 -0.86 15.62 18.77
C SER C 122 -1.83 16.13 19.84
N CYS C 123 -1.47 15.97 21.10
CA CYS C 123 -2.37 16.36 22.20
C CYS C 123 -1.57 16.50 23.51
N ASP C 124 -2.22 17.00 24.54
CA ASP C 124 -1.55 17.35 25.82
C ASP C 124 -1.22 16.06 26.58
N VAL C 125 0.06 15.69 26.60
CA VAL C 125 0.53 14.48 27.33
C VAL C 125 1.12 14.92 28.69
N SER C 126 1.12 16.21 28.99
CA SER C 126 1.68 16.69 30.29
C SER C 126 0.91 16.04 31.46
N GLY C 127 1.61 15.51 32.47
CA GLY C 127 0.99 14.96 33.69
C GLY C 127 0.72 13.46 33.60
N VAL C 128 1.11 12.81 32.50
CA VAL C 128 0.83 11.36 32.29
C VAL C 128 1.40 10.52 33.43
N ASP C 129 2.52 10.91 34.05
CA ASP C 129 3.20 10.12 35.11
C ASP C 129 2.74 10.57 36.49
N THR C 130 1.67 11.36 36.60
CA THR C 130 1.14 11.86 37.87
C THR C 130 -0.17 11.15 38.16
N GLU C 131 -0.67 11.33 39.36
CA GLU C 131 -1.90 10.66 39.85
C GLU C 131 -3.11 11.19 39.09
N SER C 132 -3.11 12.48 38.77
CA SER C 132 -4.25 13.13 38.12
C SER C 132 -4.18 12.88 36.59
N GLY C 133 -3.01 12.50 36.06
CA GLY C 133 -2.84 11.96 34.68
C GLY C 133 -2.82 13.07 33.64
N ALA C 134 -2.68 12.70 32.37
CA ALA C 134 -2.78 13.65 31.22
C ALA C 134 -4.22 13.66 30.70
N THR C 135 -4.62 14.74 30.05
CA THR C 135 -5.91 14.80 29.31
C THR C 135 -5.60 15.10 27.86
N CYS C 136 -5.73 14.09 27.01
CA CYS C 136 -5.52 14.18 25.55
C CYS C 136 -6.88 14.39 24.87
N ARG C 137 -7.06 15.52 24.19
CA ARG C 137 -8.35 15.86 23.53
C ARG C 137 -8.24 15.50 22.04
N ILE C 138 -9.16 14.67 21.57
CA ILE C 138 -9.28 14.26 20.13
C ILE C 138 -10.56 14.85 19.55
N LYS C 139 -10.47 15.65 18.49
CA LYS C 139 -11.64 16.25 17.81
C LYS C 139 -11.93 15.51 16.52
N ILE C 140 -13.14 14.94 16.39
CA ILE C 140 -13.57 14.19 15.17
C ILE C 140 -14.84 14.82 14.60
N GLY C 141 -14.82 15.18 13.31
CA GLY C 141 -16.00 15.72 12.62
C GLY C 141 -15.88 15.51 11.13
N SER C 142 -16.90 15.95 10.40
CA SER C 142 -16.89 15.94 8.94
C SER C 142 -15.80 16.89 8.49
N TRP C 143 -15.02 16.46 7.51
CA TRP C 143 -13.95 17.31 6.96
C TRP C 143 -14.60 18.32 6.02
N THR C 144 -15.54 17.88 5.17
CA THR C 144 -16.02 18.72 4.04
C THR C 144 -17.52 19.08 4.12
N HIS C 145 -18.28 18.55 5.06
CA HIS C 145 -19.73 18.83 5.18
C HIS C 145 -19.99 19.66 6.43
N HIS C 146 -20.49 20.90 6.25
CA HIS C 146 -20.85 21.79 7.36
C HIS C 146 -22.16 21.32 7.99
N SER C 147 -22.57 22.01 9.05
CA SER C 147 -23.64 21.58 10.01
C SER C 147 -25.02 21.52 9.33
N ARG C 148 -25.24 22.19 8.21
CA ARG C 148 -26.51 22.04 7.45
C ARG C 148 -26.55 20.71 6.67
N GLU C 149 -25.40 20.07 6.43
CA GLU C 149 -25.30 18.82 5.65
C GLU C 149 -25.02 17.62 6.58
N ILE C 150 -24.14 17.76 7.56
CA ILE C 150 -23.89 16.67 8.54
C ILE C 150 -23.88 17.29 9.93
N SER C 151 -24.59 16.66 10.85
CA SER C 151 -24.52 16.97 12.29
C SER C 151 -23.83 15.78 12.96
N VAL C 152 -22.93 16.08 13.88
CA VAL C 152 -22.21 15.03 14.66
C VAL C 152 -22.66 15.11 16.12
N ASP C 153 -23.09 13.98 16.67
CA ASP C 153 -23.53 13.83 18.08
C ASP C 153 -22.79 12.68 18.78
N PRO C 154 -22.35 12.84 20.06
CA PRO C 154 -22.05 11.69 20.91
C PRO C 154 -23.35 10.97 21.34
N SER C 162 -13.64 2.27 29.37
CA SER C 162 -12.69 1.39 30.08
C SER C 162 -13.17 -0.06 30.07
N GLU C 163 -14.45 -0.26 29.80
CA GLU C 163 -15.06 -1.62 29.70
C GLU C 163 -14.27 -2.50 28.72
N TYR C 164 -13.73 -1.96 27.65
CA TYR C 164 -13.00 -2.71 26.60
C TYR C 164 -11.52 -2.33 26.54
N PHE C 165 -11.04 -1.52 27.48
CA PHE C 165 -9.62 -1.10 27.51
C PHE C 165 -8.74 -2.27 27.92
N SER C 166 -7.63 -2.50 27.24
CA SER C 166 -6.74 -3.66 27.50
C SER C 166 -6.18 -3.52 28.91
N GLN C 167 -6.28 -4.59 29.69
CA GLN C 167 -5.68 -4.64 31.05
C GLN C 167 -4.15 -4.70 30.90
N TYR C 168 -3.60 -4.95 29.70
CA TYR C 168 -2.15 -5.21 29.47
C TYR C 168 -1.42 -3.96 29.00
N SER C 169 -2.13 -2.89 28.64
CA SER C 169 -1.55 -1.55 28.47
C SER C 169 -0.71 -1.18 29.70
N ARG C 170 0.34 -0.39 29.53
CA ARG C 170 1.09 0.14 30.71
C ARG C 170 0.36 1.39 31.20
N PHE C 171 -0.72 1.81 30.50
CA PHE C 171 -1.53 2.98 30.92
C PHE C 171 -2.88 2.47 31.41
N GLU C 172 -3.59 3.32 32.14
CA GLU C 172 -4.99 3.07 32.55
C GLU C 172 -5.80 4.34 32.29
N ILE C 173 -7.09 4.15 32.06
CA ILE C 173 -8.04 5.26 31.82
C ILE C 173 -8.66 5.71 33.14
N LEU C 174 -8.55 7.00 33.44
CA LEU C 174 -9.21 7.63 34.60
C LEU C 174 -10.61 8.05 34.17
N ASP C 175 -10.77 8.55 32.96
CA ASP C 175 -12.07 9.12 32.52
C ASP C 175 -12.03 9.41 31.02
N VAL C 176 -13.18 9.25 30.39
CA VAL C 176 -13.44 9.63 28.98
C VAL C 176 -14.70 10.49 28.94
N THR C 177 -14.60 11.68 28.41
CA THR C 177 -15.73 12.62 28.19
C THR C 177 -15.86 12.83 26.68
N GLN C 178 -17.07 12.75 26.14
CA GLN C 178 -17.33 12.95 24.69
C GLN C 178 -18.37 14.06 24.59
N LYS C 179 -17.96 15.24 24.13
CA LYS C 179 -18.82 16.46 24.14
C LYS C 179 -18.98 16.98 22.71
N LYS C 180 -20.21 17.33 22.36
CA LYS C 180 -20.53 17.99 21.07
C LYS C 180 -19.77 19.31 21.01
N ASN C 181 -19.27 19.67 19.85
CA ASN C 181 -18.59 20.96 19.64
C ASN C 181 -18.73 21.35 18.17
N SER C 182 -18.23 22.52 17.79
CA SER C 182 -18.21 22.97 16.39
C SER C 182 -16.91 23.74 16.15
N VAL C 183 -16.42 23.66 14.92
CA VAL C 183 -15.27 24.47 14.43
C VAL C 183 -15.82 25.39 13.33
N THR C 184 -15.45 26.66 13.37
CA THR C 184 -15.70 27.62 12.26
C THR C 184 -14.32 28.09 11.78
N TYR C 185 -14.20 28.31 10.47
CA TYR C 185 -12.94 28.78 9.87
C TYR C 185 -13.07 30.28 9.63
N SER C 186 -12.01 31.02 9.97
CA SER C 186 -11.85 32.48 9.79
C SER C 186 -12.31 32.92 8.39
N CYS C 187 -12.05 32.09 7.36
CA CYS C 187 -12.47 32.30 5.94
C CYS C 187 -13.99 32.53 5.81
N CYS C 188 -14.84 31.63 6.34
CA CYS C 188 -16.20 31.35 5.81
C CYS C 188 -17.22 31.26 6.94
N PRO C 189 -18.53 31.45 6.62
CA PRO C 189 -19.59 31.45 7.64
C PRO C 189 -19.80 30.05 8.26
N GLU C 190 -19.59 29.01 7.44
CA GLU C 190 -19.94 27.59 7.70
C GLU C 190 -19.29 27.15 9.01
N ALA C 191 -20.11 26.51 9.86
CA ALA C 191 -19.67 25.75 11.04
C ALA C 191 -19.63 24.26 10.72
N TYR C 192 -18.57 23.58 11.18
CA TYR C 192 -18.33 22.12 11.03
C TYR C 192 -18.52 21.52 12.42
N GLU C 193 -19.43 20.56 12.56
CA GLU C 193 -19.69 19.94 13.88
C GLU C 193 -18.61 18.91 14.16
N ASP C 194 -18.28 18.75 15.43
CA ASP C 194 -17.36 17.68 15.87
C ASP C 194 -17.78 17.11 17.21
N VAL C 195 -17.24 15.94 17.52
CA VAL C 195 -17.16 15.40 18.90
C VAL C 195 -15.75 15.67 19.43
N GLU C 196 -15.67 16.28 20.59
CA GLU C 196 -14.43 16.45 21.36
C GLU C 196 -14.34 15.33 22.38
N VAL C 197 -13.40 14.40 22.22
CA VAL C 197 -13.22 13.28 23.18
C VAL C 197 -12.03 13.64 24.07
N SER C 198 -12.27 13.79 25.35
CA SER C 198 -11.22 14.09 26.36
C SER C 198 -10.83 12.80 27.05
N LEU C 199 -9.66 12.28 26.74
CA LEU C 199 -9.14 11.02 27.31
C LEU C 199 -8.20 11.37 28.47
N ASN C 200 -8.64 11.13 29.70
CA ASN C 200 -7.82 11.33 30.91
C ASN C 200 -7.23 9.97 31.28
N PHE C 201 -5.92 9.85 31.20
CA PHE C 201 -5.22 8.57 31.44
C PHE C 201 -3.90 8.82 32.14
N ARG C 202 -3.32 7.79 32.72
CA ARG C 202 -2.00 7.89 33.38
C ARG C 202 -1.23 6.57 33.25
N LYS C 203 0.08 6.65 33.47
CA LYS C 203 0.91 5.44 33.59
C LYS C 203 0.43 4.70 34.86
N LYS C 204 0.37 3.38 34.81
CA LYS C 204 0.03 2.58 36.02
C LYS C 204 1.12 2.71 37.09
N ALA D 1 -33.27 20.55 -8.53
CA ALA D 1 -32.22 19.46 -8.64
C ALA D 1 -31.78 19.11 -7.21
N ASP D 2 -31.53 17.81 -6.96
CA ASP D 2 -31.00 17.36 -5.65
C ASP D 2 -29.48 17.16 -5.80
N ARG D 3 -28.86 16.74 -4.72
CA ARG D 3 -27.38 16.58 -4.68
C ARG D 3 -26.95 15.54 -5.72
N ALA D 4 -27.74 14.47 -5.84
CA ALA D 4 -27.45 13.35 -6.78
C ALA D 4 -27.40 13.93 -8.20
N ASP D 5 -28.39 14.72 -8.62
CA ASP D 5 -28.44 15.37 -9.97
C ASP D 5 -27.20 16.25 -10.18
N ILE D 6 -26.81 17.05 -9.18
CA ILE D 6 -25.60 17.91 -9.32
C ILE D 6 -24.36 17.02 -9.52
N LEU D 7 -24.20 15.99 -8.70
CA LEU D 7 -23.02 15.09 -8.85
C LEU D 7 -23.13 14.36 -10.18
N TYR D 8 -24.29 13.87 -10.61
CA TYR D 8 -24.37 13.11 -11.89
C TYR D 8 -23.96 14.05 -13.01
N ASN D 9 -24.35 15.34 -12.98
CA ASN D 9 -23.95 16.31 -14.03
C ASN D 9 -22.41 16.45 -14.03
N ILE D 10 -21.85 16.61 -12.83
CA ILE D 10 -20.38 16.72 -12.64
C ILE D 10 -19.68 15.48 -13.20
N ARG D 11 -20.16 14.29 -12.88
CA ARG D 11 -19.51 13.01 -13.29
C ARG D 11 -19.62 12.91 -14.80
N GLN D 12 -20.73 13.33 -15.42
CA GLN D 12 -20.88 13.26 -16.90
C GLN D 12 -20.00 14.28 -17.56
N THR D 13 -19.71 15.41 -16.96
CA THR D 13 -19.05 16.58 -17.65
C THR D 13 -17.57 16.64 -17.30
N SER D 14 -17.22 16.41 -16.06
CA SER D 14 -15.82 16.46 -15.57
C SER D 14 -14.94 15.49 -16.38
N ARG D 15 -13.75 15.96 -16.73
CA ARG D 15 -12.71 15.20 -17.43
C ARG D 15 -11.48 15.17 -16.54
N PRO D 16 -11.35 14.21 -15.61
CA PRO D 16 -10.28 14.22 -14.63
C PRO D 16 -8.89 14.32 -15.23
N ASP D 17 -8.68 13.86 -16.46
CA ASP D 17 -7.31 13.85 -17.03
C ASP D 17 -7.09 15.07 -17.93
N VAL D 18 -8.02 16.00 -17.99
CA VAL D 18 -7.94 17.16 -18.93
C VAL D 18 -7.91 18.45 -18.14
N ILE D 19 -6.88 19.24 -18.28
CA ILE D 19 -6.84 20.53 -17.57
C ILE D 19 -8.00 21.38 -18.12
N PRO D 20 -8.86 22.00 -17.27
CA PRO D 20 -10.01 22.80 -17.77
C PRO D 20 -9.64 24.22 -18.24
N THR D 21 -8.74 24.36 -19.20
CA THR D 21 -8.29 25.71 -19.66
C THR D 21 -9.44 26.32 -20.43
N GLN D 22 -9.60 27.63 -20.25
CA GLN D 22 -10.59 28.52 -20.88
C GLN D 22 -9.85 29.27 -21.98
N ARG D 23 -10.24 29.09 -23.24
CA ARG D 23 -9.54 29.73 -24.38
C ARG D 23 -8.11 29.20 -24.33
N ASP D 24 -7.10 30.05 -24.47
CA ASP D 24 -5.70 29.59 -24.25
C ASP D 24 -5.16 30.19 -22.93
N ARG D 25 -6.03 30.39 -21.94
CA ARG D 25 -5.64 30.96 -20.63
C ARG D 25 -5.14 29.80 -19.77
N PRO D 26 -4.12 30.05 -18.92
CA PRO D 26 -3.76 29.10 -17.87
C PRO D 26 -4.95 28.90 -16.94
N VAL D 27 -5.02 27.77 -16.28
CA VAL D 27 -5.91 27.60 -15.10
C VAL D 27 -5.20 28.25 -13.93
N ALA D 28 -5.89 29.17 -13.27
CA ALA D 28 -5.38 29.93 -12.11
C ALA D 28 -5.63 29.10 -10.84
N VAL D 29 -4.58 28.53 -10.28
CA VAL D 29 -4.67 27.73 -9.05
C VAL D 29 -4.18 28.55 -7.86
N SER D 30 -5.00 28.66 -6.84
CA SER D 30 -4.58 29.27 -5.55
C SER D 30 -4.15 28.19 -4.58
N VAL D 31 -2.98 28.36 -3.98
CA VAL D 31 -2.39 27.43 -2.99
C VAL D 31 -1.98 28.25 -1.77
N SER D 32 -2.41 27.80 -0.60
CA SER D 32 -2.13 28.45 0.68
C SER D 32 -1.98 27.33 1.73
N LEU D 33 -0.83 27.29 2.42
CA LEU D 33 -0.60 26.33 3.51
C LEU D 33 -0.97 26.94 4.84
N LYS D 34 -1.66 26.17 5.66
CA LYS D 34 -1.85 26.48 7.11
C LYS D 34 -1.08 25.41 7.87
N PHE D 35 -0.02 25.78 8.58
CA PHE D 35 0.73 24.81 9.39
C PHE D 35 -0.03 24.39 10.63
N ILE D 36 -0.10 23.09 10.86
CA ILE D 36 -0.84 22.48 12.00
C ILE D 36 0.16 21.97 13.03
N ASN D 37 1.25 21.38 12.56
CA ASN D 37 2.20 20.77 13.50
C ASN D 37 3.58 20.68 12.85
N ILE D 38 4.58 20.76 13.69
CA ILE D 38 5.99 20.48 13.33
C ILE D 38 6.41 19.35 14.28
N LEU D 39 6.68 18.18 13.74
CA LEU D 39 6.71 16.92 14.53
C LEU D 39 8.14 16.50 14.84
N GLU D 40 9.03 16.65 13.90
CA GLU D 40 10.43 16.19 14.05
C GLU D 40 11.26 17.16 13.25
N VAL D 41 12.36 17.52 13.86
CA VAL D 41 13.28 18.48 13.27
C VAL D 41 14.66 17.89 13.51
N ASN D 42 15.49 17.88 12.48
CA ASN D 42 16.85 17.35 12.65
C ASN D 42 17.82 18.40 12.14
N GLU D 43 18.56 19.04 13.07
CA GLU D 43 19.45 20.16 12.71
C GLU D 43 20.71 19.60 12.02
N ILE D 44 21.04 18.33 12.23
CA ILE D 44 22.23 17.71 11.57
C ILE D 44 21.90 17.33 10.11
N THR D 45 20.73 16.74 9.85
CA THR D 45 20.36 16.30 8.49
C THR D 45 19.60 17.42 7.75
N ASN D 46 19.17 18.49 8.44
CA ASN D 46 18.36 19.56 7.82
C ASN D 46 17.06 18.97 7.24
N GLU D 47 16.34 18.23 8.08
CA GLU D 47 15.07 17.60 7.69
C GLU D 47 14.01 18.00 8.72
N VAL D 48 12.82 18.22 8.23
CA VAL D 48 11.64 18.51 9.09
C VAL D 48 10.51 17.62 8.61
N ASP D 49 9.66 17.25 9.55
CA ASP D 49 8.42 16.51 9.35
C ASP D 49 7.30 17.43 9.79
N VAL D 50 6.39 17.79 8.89
CA VAL D 50 5.34 18.82 9.18
C VAL D 50 3.98 18.30 8.73
N VAL D 51 2.96 18.82 9.40
CA VAL D 51 1.52 18.66 9.04
C VAL D 51 0.99 20.02 8.64
N PHE D 52 0.39 20.11 7.46
CA PHE D 52 -0.22 21.35 6.97
C PHE D 52 -1.50 21.03 6.20
N TRP D 53 -2.43 21.97 6.23
CA TRP D 53 -3.63 22.01 5.36
C TRP D 53 -3.23 22.74 4.10
N GLN D 54 -3.31 22.05 2.99
CA GLN D 54 -2.98 22.65 1.68
C GLN D 54 -4.26 23.15 1.02
N ARG D 55 -4.64 24.38 1.29
CA ARG D 55 -5.89 24.95 0.74
C ARG D 55 -5.64 25.26 -0.73
N THR D 56 -6.40 24.59 -1.61
CA THR D 56 -6.19 24.63 -3.06
C THR D 56 -7.52 24.98 -3.72
N THR D 57 -7.54 25.97 -4.60
CA THR D 57 -8.77 26.38 -5.31
C THR D 57 -8.45 26.66 -6.78
N TRP D 58 -9.45 26.44 -7.60
CA TRP D 58 -9.41 26.71 -9.04
C TRP D 58 -10.86 26.70 -9.52
N SER D 59 -11.04 27.11 -10.76
CA SER D 59 -12.38 27.12 -11.35
C SER D 59 -12.46 26.12 -12.51
N ASP D 60 -13.60 25.42 -12.59
CA ASP D 60 -13.98 24.63 -13.78
C ASP D 60 -15.44 25.04 -14.10
N ARG D 61 -15.63 26.03 -14.94
CA ARG D 61 -16.94 26.66 -15.19
C ARG D 61 -17.85 25.70 -15.96
N THR D 62 -17.33 24.64 -16.57
CA THR D 62 -18.17 23.59 -17.23
C THR D 62 -19.01 22.88 -16.17
N LEU D 63 -18.64 22.94 -14.89
CA LEU D 63 -19.36 22.17 -13.83
C LEU D 63 -20.52 23.00 -13.26
N ALA D 64 -20.64 24.27 -13.63
CA ALA D 64 -21.54 25.23 -12.94
C ALA D 64 -23.02 24.81 -13.09
N TRP D 65 -23.88 25.18 -12.15
CA TRP D 65 -25.34 24.90 -12.21
C TRP D 65 -26.11 26.04 -11.58
N ASP D 66 -27.39 26.12 -11.91
CA ASP D 66 -28.34 27.09 -11.30
C ASP D 66 -28.67 26.59 -9.90
N SER D 67 -28.33 27.34 -8.86
CA SER D 67 -28.64 26.98 -7.46
C SER D 67 -29.67 27.92 -6.83
N SER D 68 -30.50 28.60 -7.61
CA SER D 68 -31.59 29.46 -7.06
C SER D 68 -32.45 28.62 -6.12
N HIS D 69 -32.77 27.39 -6.53
CA HIS D 69 -33.68 26.44 -5.82
C HIS D 69 -33.00 25.07 -5.69
N SER D 70 -31.68 25.01 -5.53
CA SER D 70 -30.86 23.77 -5.34
C SER D 70 -29.70 24.06 -4.38
N PRO D 71 -29.04 23.02 -3.82
CA PRO D 71 -27.79 23.22 -3.08
C PRO D 71 -26.73 23.93 -3.93
N ASP D 72 -25.97 24.85 -3.34
CA ASP D 72 -24.99 25.64 -4.12
C ASP D 72 -23.59 25.06 -3.97
N GLN D 73 -23.46 23.96 -3.20
CA GLN D 73 -22.19 23.21 -3.04
C GLN D 73 -22.45 21.71 -2.91
N VAL D 74 -21.54 20.87 -3.38
CA VAL D 74 -21.52 19.42 -3.03
C VAL D 74 -20.08 18.96 -2.77
N SER D 75 -19.91 17.93 -1.99
CA SER D 75 -18.64 17.21 -1.78
C SER D 75 -18.51 16.16 -2.86
N VAL D 76 -17.39 16.12 -3.56
CA VAL D 76 -17.12 15.20 -4.67
C VAL D 76 -15.77 14.50 -4.44
N PRO D 77 -15.64 13.18 -4.67
CA PRO D 77 -14.34 12.49 -4.62
C PRO D 77 -13.43 13.07 -5.68
N ILE D 78 -12.16 13.30 -5.30
CA ILE D 78 -11.22 13.96 -6.24
C ILE D 78 -11.02 13.09 -7.49
N SER D 79 -11.25 11.80 -7.40
CA SER D 79 -11.10 10.89 -8.55
C SER D 79 -12.13 11.26 -9.62
N SER D 80 -13.20 12.00 -9.33
CA SER D 80 -14.19 12.41 -10.36
C SER D 80 -13.83 13.76 -10.97
N LEU D 81 -12.82 14.46 -10.46
CA LEU D 81 -12.47 15.84 -10.93
C LEU D 81 -11.07 15.89 -11.50
N TRP D 82 -10.82 16.88 -12.33
CA TRP D 82 -9.43 17.33 -12.57
C TRP D 82 -8.92 18.01 -11.30
N VAL D 83 -7.70 17.69 -10.91
CA VAL D 83 -7.00 18.28 -9.75
C VAL D 83 -5.62 18.67 -10.24
N PRO D 84 -5.10 19.84 -9.87
CA PRO D 84 -3.76 20.24 -10.29
C PRO D 84 -2.70 19.23 -9.79
N ASP D 85 -1.71 18.97 -10.62
CA ASP D 85 -0.64 17.98 -10.34
C ASP D 85 0.45 18.68 -9.48
N LEU D 86 0.09 19.17 -8.30
CA LEU D 86 1.03 19.92 -7.43
C LEU D 86 1.99 18.95 -6.79
N ALA D 87 3.21 19.37 -6.61
CA ALA D 87 4.24 18.62 -5.84
C ALA D 87 5.14 19.61 -5.13
N ALA D 88 5.67 19.19 -3.99
CA ALA D 88 6.64 19.98 -3.21
C ALA D 88 8.01 19.62 -3.76
N TYR D 89 8.72 20.59 -4.33
CA TYR D 89 10.01 20.34 -5.04
C TYR D 89 11.06 19.83 -4.02
N ASN D 90 11.00 20.20 -2.73
CA ASN D 90 12.08 19.79 -1.78
C ASN D 90 11.55 18.71 -0.82
N ALA D 91 10.45 18.03 -1.21
CA ALA D 91 9.89 16.92 -0.41
C ALA D 91 10.87 15.75 -0.48
N ILE D 92 11.02 15.03 0.64
CA ILE D 92 11.86 13.79 0.64
C ILE D 92 11.02 12.61 1.11
N SER D 93 9.71 12.78 1.20
CA SER D 93 8.75 11.68 1.39
C SER D 93 7.52 11.99 0.55
N LYS D 94 6.74 10.94 0.30
CA LYS D 94 5.45 11.08 -0.40
C LYS D 94 4.53 11.91 0.47
N PRO D 95 3.62 12.70 -0.08
CA PRO D 95 2.64 13.38 0.76
C PRO D 95 1.74 12.32 1.39
N GLU D 96 1.65 12.26 2.71
CA GLU D 96 0.66 11.39 3.40
C GLU D 96 -0.62 12.22 3.63
N VAL D 97 -1.67 11.92 2.88
CA VAL D 97 -2.96 12.64 2.98
C VAL D 97 -3.73 12.06 4.15
N LEU D 98 -4.01 12.87 5.16
CA LEU D 98 -4.56 12.37 6.45
C LEU D 98 -6.09 12.35 6.39
N THR D 99 -6.69 13.07 5.43
CA THR D 99 -8.12 13.39 5.45
C THR D 99 -8.82 12.74 4.26
N PRO D 100 -10.17 12.67 4.30
CA PRO D 100 -10.93 12.18 3.15
C PRO D 100 -10.59 12.98 1.90
N GLN D 101 -10.40 12.27 0.80
CA GLN D 101 -10.03 12.85 -0.50
C GLN D 101 -11.27 13.37 -1.25
N LEU D 102 -11.90 14.40 -0.68
CA LEU D 102 -13.12 15.02 -1.23
C LEU D 102 -12.81 16.49 -1.45
N ALA D 103 -13.28 17.03 -2.57
CA ALA D 103 -13.27 18.44 -2.89
C ALA D 103 -14.69 18.96 -2.75
N ARG D 104 -14.82 20.27 -2.59
CA ARG D 104 -16.12 20.96 -2.69
C ARG D 104 -16.22 21.58 -4.07
N VAL D 105 -17.35 21.36 -4.73
CA VAL D 105 -17.65 22.07 -6.00
C VAL D 105 -18.78 23.03 -5.71
N VAL D 106 -18.57 24.32 -6.04
CA VAL D 106 -19.56 25.41 -5.85
C VAL D 106 -20.31 25.62 -7.17
N SER D 107 -21.56 26.09 -7.11
CA SER D 107 -22.48 26.16 -8.27
C SER D 107 -21.91 27.09 -9.35
N ASP D 108 -20.96 27.95 -9.02
CA ASP D 108 -20.30 28.84 -10.02
C ASP D 108 -19.10 28.11 -10.65
N GLY D 109 -18.82 26.86 -10.31
CA GLY D 109 -17.72 26.09 -10.91
C GLY D 109 -16.42 26.28 -10.14
N GLU D 110 -16.44 26.94 -8.98
CA GLU D 110 -15.22 26.98 -8.16
C GLU D 110 -15.07 25.61 -7.45
N VAL D 111 -13.84 25.14 -7.40
CA VAL D 111 -13.48 23.87 -6.73
C VAL D 111 -12.49 24.18 -5.60
N LEU D 112 -12.73 23.60 -4.44
CA LEU D 112 -11.91 23.77 -3.23
C LEU D 112 -11.52 22.37 -2.77
N TYR D 113 -10.21 22.16 -2.57
CA TYR D 113 -9.64 20.89 -2.03
C TYR D 113 -8.63 21.28 -0.94
N VAL D 114 -8.85 20.76 0.26
CA VAL D 114 -8.06 21.10 1.46
C VAL D 114 -7.59 19.81 2.14
N PRO D 115 -6.64 19.08 1.55
CA PRO D 115 -6.11 17.90 2.22
C PRO D 115 -5.19 18.33 3.38
N SER D 116 -5.25 17.59 4.48
CA SER D 116 -4.25 17.66 5.56
C SER D 116 -3.13 16.70 5.18
N ILE D 117 -1.93 17.23 5.04
CA ILE D 117 -0.76 16.47 4.56
C ILE D 117 0.31 16.42 5.67
N ARG D 118 0.83 15.23 5.90
CA ARG D 118 2.10 15.04 6.63
C ARG D 118 3.19 14.69 5.62
N GLN D 119 4.27 15.42 5.61
CA GLN D 119 5.36 15.23 4.64
C GLN D 119 6.68 15.69 5.24
N ARG D 120 7.76 15.12 4.75
CA ARG D 120 9.12 15.43 5.22
C ARG D 120 9.84 16.25 4.14
N PHE D 121 10.58 17.26 4.58
CA PHE D 121 11.29 18.19 3.67
C PHE D 121 12.74 18.27 4.05
N SER D 122 13.52 18.53 3.00
CA SER D 122 14.92 18.99 3.09
C SER D 122 14.90 20.52 3.06
N CYS D 123 15.28 21.16 4.15
CA CYS D 123 15.30 22.63 4.22
C CYS D 123 16.21 23.10 5.36
N ASP D 124 16.40 24.40 5.44
CA ASP D 124 17.37 24.99 6.40
C ASP D 124 16.78 24.93 7.82
N VAL D 125 17.30 24.04 8.64
CA VAL D 125 16.87 23.91 10.06
C VAL D 125 17.87 24.64 10.96
N SER D 126 18.90 25.26 10.40
CA SER D 126 19.93 25.96 11.22
C SER D 126 19.25 27.10 12.01
N GLY D 127 19.53 27.22 13.31
CA GLY D 127 19.03 28.34 14.15
C GLY D 127 17.71 27.99 14.84
N VAL D 128 17.21 26.77 14.70
CA VAL D 128 15.93 26.34 15.30
C VAL D 128 15.96 26.55 16.83
N ASP D 129 17.12 26.38 17.49
CA ASP D 129 17.22 26.47 18.98
C ASP D 129 17.63 27.87 19.40
N THR D 130 17.54 28.85 18.51
CA THR D 130 17.85 30.26 18.82
C THR D 130 16.54 31.04 18.83
N GLU D 131 16.61 32.27 19.31
CA GLU D 131 15.41 33.12 19.47
C GLU D 131 14.91 33.55 18.10
N SER D 132 15.80 33.74 17.14
CA SER D 132 15.43 34.22 15.79
C SER D 132 14.92 33.02 14.94
N GLY D 133 15.24 31.79 15.34
CA GLY D 133 14.65 30.55 14.81
C GLY D 133 15.23 30.13 13.46
N ALA D 134 14.74 29.03 12.90
CA ALA D 134 15.11 28.55 11.55
C ALA D 134 14.12 29.10 10.52
N THR D 135 14.54 29.19 9.26
CA THR D 135 13.61 29.46 8.15
C THR D 135 13.65 28.30 7.16
N CYS D 136 12.62 27.47 7.16
CA CYS D 136 12.46 26.33 6.22
C CYS D 136 11.59 26.77 5.03
N ARG D 137 12.15 26.73 3.83
CA ARG D 137 11.43 27.14 2.60
C ARG D 137 10.90 25.88 1.91
N ILE D 138 9.60 25.84 1.64
CA ILE D 138 8.90 24.76 0.90
C ILE D 138 8.39 25.32 -0.43
N LYS D 139 8.75 24.71 -1.57
CA LYS D 139 8.29 25.12 -2.91
C LYS D 139 7.25 24.13 -3.43
N ILE D 140 6.05 24.62 -3.73
CA ILE D 140 4.95 23.80 -4.27
C ILE D 140 4.49 24.39 -5.62
N GLY D 141 4.46 23.56 -6.66
CA GLY D 141 3.93 23.98 -7.97
C GLY D 141 3.57 22.79 -8.80
N SER D 142 3.08 23.06 -10.01
CA SER D 142 2.75 22.03 -11.00
C SER D 142 4.02 21.29 -11.33
N TRP D 143 3.95 19.97 -11.38
CA TRP D 143 5.11 19.16 -11.74
C TRP D 143 5.23 19.19 -13.26
N THR D 144 4.11 19.04 -13.98
CA THR D 144 4.17 18.82 -15.45
C THR D 144 3.58 19.96 -16.30
N HIS D 145 2.91 20.94 -15.72
CA HIS D 145 2.22 22.04 -16.49
C HIS D 145 2.98 23.36 -16.27
N HIS D 146 3.51 23.92 -17.33
CA HIS D 146 4.22 25.22 -17.30
C HIS D 146 3.21 26.36 -17.19
N SER D 147 3.71 27.60 -17.13
CA SER D 147 2.97 28.83 -16.72
C SER D 147 1.87 29.17 -17.74
N ARG D 148 1.96 28.69 -18.96
CA ARG D 148 0.87 28.94 -19.97
C ARG D 148 -0.33 28.00 -19.70
N GLU D 149 -0.14 26.92 -18.93
CA GLU D 149 -1.19 25.90 -18.65
C GLU D 149 -1.70 26.04 -17.21
N ILE D 150 -0.79 26.24 -16.24
CA ILE D 150 -1.21 26.46 -14.84
C ILE D 150 -0.41 27.63 -14.31
N SER D 151 -1.10 28.56 -13.68
CA SER D 151 -0.48 29.65 -12.90
C SER D 151 -0.81 29.37 -11.43
N VAL D 152 0.18 29.59 -10.59
CA VAL D 152 0.07 29.33 -9.13
C VAL D 152 0.20 30.68 -8.42
N ASP D 153 -0.78 30.98 -7.57
CA ASP D 153 -0.89 32.24 -6.81
C ASP D 153 -1.09 31.93 -5.32
N PRO D 154 -0.37 32.60 -4.39
CA PRO D 154 -0.70 32.57 -2.97
C PRO D 154 -1.93 33.43 -2.67
N THR D 155 -2.40 33.49 -1.42
CA THR D 155 -3.63 34.26 -1.06
C THR D 155 -3.40 35.01 0.25
N ASP D 161 -1.40 33.32 11.33
CA ASP D 161 -0.23 32.48 10.96
C ASP D 161 -0.24 31.23 11.84
N SER D 162 -0.41 31.41 13.14
CA SER D 162 -0.46 30.30 14.13
C SER D 162 -1.91 29.96 14.46
N GLU D 163 -2.86 30.46 13.67
CA GLU D 163 -4.30 30.37 14.00
C GLU D 163 -4.70 28.89 14.17
N TYR D 164 -4.13 27.97 13.37
CA TYR D 164 -4.48 26.53 13.45
C TYR D 164 -3.30 25.69 13.94
N PHE D 165 -2.21 26.32 14.36
CA PHE D 165 -0.99 25.58 14.77
C PHE D 165 -1.21 24.95 16.15
N SER D 166 -0.83 23.70 16.35
CA SER D 166 -1.09 22.97 17.62
C SER D 166 -0.29 23.69 18.71
N GLN D 167 -0.97 23.97 19.82
CA GLN D 167 -0.31 24.55 21.02
C GLN D 167 0.58 23.48 21.67
N TYR D 168 0.49 22.19 21.27
CA TYR D 168 1.21 21.07 21.94
C TYR D 168 2.51 20.70 21.23
N SER D 169 2.76 21.26 20.06
CA SER D 169 4.06 21.13 19.37
C SER D 169 5.17 21.60 20.31
N ARG D 170 6.36 21.06 20.18
CA ARG D 170 7.56 21.57 20.89
C ARG D 170 8.02 22.88 20.25
N PHE D 171 7.50 23.17 19.07
CA PHE D 171 7.94 24.31 18.23
C PHE D 171 6.82 25.33 18.21
N GLU D 172 7.18 26.54 17.83
CA GLU D 172 6.20 27.65 17.64
C GLU D 172 6.59 28.37 16.36
N ILE D 173 5.60 28.96 15.73
CA ILE D 173 5.74 29.72 14.45
C ILE D 173 5.98 31.19 14.77
N LEU D 174 7.06 31.73 14.26
CA LEU D 174 7.39 33.18 14.37
C LEU D 174 6.73 33.88 13.20
N ASP D 175 6.74 33.29 12.01
CA ASP D 175 6.18 33.95 10.80
C ASP D 175 6.07 32.93 9.66
N VAL D 176 5.06 33.12 8.81
CA VAL D 176 4.93 32.39 7.53
C VAL D 176 4.75 33.42 6.42
N THR D 177 5.60 33.36 5.39
CA THR D 177 5.40 34.16 4.15
C THR D 177 5.22 33.20 2.98
N GLN D 178 4.31 33.55 2.07
CA GLN D 178 3.95 32.74 0.89
C GLN D 178 4.14 33.64 -0.32
N LYS D 179 5.19 33.40 -1.11
CA LYS D 179 5.55 34.29 -2.26
C LYS D 179 5.46 33.49 -3.57
N LYS D 180 4.86 34.11 -4.57
CA LYS D 180 4.86 33.62 -5.97
C LYS D 180 6.30 33.47 -6.45
N ASN D 181 6.59 32.43 -7.19
CA ASN D 181 7.94 32.22 -7.78
C ASN D 181 7.77 31.36 -9.03
N SER D 182 8.85 31.13 -9.74
CA SER D 182 8.86 30.28 -10.94
C SER D 182 10.22 29.57 -11.01
N VAL D 183 10.20 28.35 -11.52
CA VAL D 183 11.39 27.50 -11.77
C VAL D 183 11.46 27.26 -13.28
N THR D 184 12.65 27.38 -13.86
CA THR D 184 12.94 27.06 -15.29
C THR D 184 13.98 25.95 -15.29
N TYR D 185 13.90 25.04 -16.25
CA TYR D 185 14.85 23.91 -16.37
C TYR D 185 15.86 24.29 -17.46
N SER D 186 17.14 24.03 -17.21
CA SER D 186 18.27 24.35 -18.11
C SER D 186 18.01 23.76 -19.51
N CYS D 187 17.28 22.65 -19.64
CA CYS D 187 16.83 22.04 -20.93
C CYS D 187 16.04 23.04 -21.81
N CYS D 188 14.98 23.67 -21.28
CA CYS D 188 13.80 24.14 -22.07
C CYS D 188 13.38 25.54 -21.67
N PRO D 189 12.63 26.25 -22.56
CA PRO D 189 12.26 27.65 -22.31
C PRO D 189 11.24 27.81 -21.16
N GLU D 190 10.37 26.80 -21.02
CA GLU D 190 9.16 26.78 -20.17
C GLU D 190 9.53 27.16 -18.74
N ALA D 191 8.74 28.07 -18.18
CA ALA D 191 8.71 28.38 -16.72
C ALA D 191 7.58 27.61 -16.01
N TYR D 192 7.85 27.05 -14.84
CA TYR D 192 6.88 26.34 -13.97
C TYR D 192 6.65 27.23 -12.76
N GLU D 193 5.42 27.62 -12.52
CA GLU D 193 5.07 28.52 -11.41
C GLU D 193 5.00 27.71 -10.13
N ASP D 194 5.40 28.36 -9.03
CA ASP D 194 5.30 27.75 -7.69
C ASP D 194 4.96 28.83 -6.67
N VAL D 195 4.51 28.35 -5.51
CA VAL D 195 4.49 29.14 -4.26
C VAL D 195 5.69 28.69 -3.41
N GLU D 196 6.46 29.66 -2.95
CA GLU D 196 7.55 29.48 -2.00
C GLU D 196 7.02 29.85 -0.62
N VAL D 197 6.85 28.87 0.27
CA VAL D 197 6.35 29.10 1.64
C VAL D 197 7.57 29.10 2.58
N SER D 198 7.82 30.24 3.22
CA SER D 198 8.95 30.41 4.18
C SER D 198 8.39 30.28 5.57
N LEU D 199 8.66 29.16 6.23
CA LEU D 199 8.26 28.90 7.62
C LEU D 199 9.40 29.30 8.57
N ASN D 200 9.23 30.40 9.29
CA ASN D 200 10.16 30.81 10.37
C ASN D 200 9.61 30.29 11.70
N PHE D 201 10.32 29.37 12.32
CA PHE D 201 9.88 28.72 13.58
C PHE D 201 11.07 28.49 14.51
N ARG D 202 10.80 28.19 15.79
CA ARG D 202 11.85 27.84 16.76
C ARG D 202 11.32 26.88 17.81
N LYS D 203 12.24 26.22 18.50
CA LYS D 203 11.91 25.43 19.70
C LYS D 203 11.43 26.42 20.76
N LYS D 204 10.39 26.07 21.51
CA LYS D 204 9.83 26.91 22.59
C LYS D 204 10.84 27.02 23.73
N ALA E 1 -9.02 20.61 -32.92
CA ALA E 1 -9.06 19.62 -31.81
C ALA E 1 -8.54 20.27 -30.52
N ASP E 2 -9.22 20.04 -29.39
CA ASP E 2 -8.81 20.57 -28.05
C ASP E 2 -8.10 19.47 -27.26
N ARG E 3 -7.70 19.76 -26.03
CA ARG E 3 -6.95 18.82 -25.17
C ARG E 3 -7.78 17.56 -24.93
N ALA E 4 -9.08 17.71 -24.73
CA ALA E 4 -10.01 16.57 -24.47
C ALA E 4 -9.92 15.59 -25.65
N ASP E 5 -10.03 16.10 -26.88
CA ASP E 5 -9.90 15.31 -28.13
C ASP E 5 -8.53 14.64 -28.17
N ILE E 6 -7.44 15.35 -27.86
CA ILE E 6 -6.07 14.75 -27.91
C ILE E 6 -6.00 13.59 -26.92
N LEU E 7 -6.49 13.79 -25.71
CA LEU E 7 -6.43 12.70 -24.70
C LEU E 7 -7.35 11.56 -25.12
N TYR E 8 -8.56 11.83 -25.61
CA TYR E 8 -9.45 10.74 -26.10
C TYR E 8 -8.71 9.92 -27.20
N ASN E 9 -8.04 10.58 -28.13
CA ASN E 9 -7.37 9.88 -29.26
C ASN E 9 -6.17 9.07 -28.73
N ILE E 10 -5.47 9.60 -27.73
CA ILE E 10 -4.36 8.85 -27.08
C ILE E 10 -4.94 7.59 -26.42
N ARG E 11 -6.04 7.72 -25.70
CA ARG E 11 -6.68 6.55 -25.03
C ARG E 11 -7.12 5.53 -26.09
N GLN E 12 -7.64 5.97 -27.24
CA GLN E 12 -8.10 5.06 -28.31
C GLN E 12 -6.90 4.35 -28.95
N THR E 13 -5.74 5.01 -29.05
CA THR E 13 -4.60 4.50 -29.84
C THR E 13 -3.56 3.79 -28.92
N SER E 14 -3.32 4.33 -27.74
CA SER E 14 -2.25 3.85 -26.82
C SER E 14 -2.51 2.40 -26.45
N ARG E 15 -1.45 1.59 -26.46
CA ARG E 15 -1.48 0.19 -25.98
C ARG E 15 -0.44 0.10 -24.88
N PRO E 16 -0.82 0.35 -23.62
CA PRO E 16 0.15 0.42 -22.53
C PRO E 16 0.97 -0.87 -22.37
N ASP E 17 0.47 -2.02 -22.83
CA ASP E 17 1.22 -3.28 -22.66
C ASP E 17 2.03 -3.63 -23.89
N VAL E 18 2.07 -2.80 -24.92
CA VAL E 18 2.77 -3.12 -26.18
C VAL E 18 3.93 -2.15 -26.39
N ILE E 19 5.14 -2.66 -26.47
CA ILE E 19 6.31 -1.79 -26.75
C ILE E 19 6.10 -1.16 -28.15
N PRO E 20 6.24 0.17 -28.33
CA PRO E 20 5.97 0.81 -29.61
C PRO E 20 7.13 0.73 -30.63
N THR E 21 7.57 -0.46 -30.98
CA THR E 21 8.71 -0.65 -31.92
C THR E 21 8.24 -0.23 -33.29
N GLN E 22 9.08 0.45 -34.04
CA GLN E 22 8.72 1.07 -35.36
C GLN E 22 8.94 0.14 -36.54
N ARG E 23 10.14 -0.41 -36.73
CA ARG E 23 10.42 -1.26 -37.91
C ARG E 23 11.09 -2.54 -37.43
N ASP E 24 10.51 -3.18 -36.40
CA ASP E 24 11.24 -4.12 -35.50
C ASP E 24 12.60 -3.50 -35.14
N ARG E 25 12.67 -2.17 -35.07
CA ARG E 25 13.78 -1.39 -34.48
C ARG E 25 13.57 -1.40 -32.96
N PRO E 26 14.65 -1.43 -32.17
CA PRO E 26 14.51 -1.21 -30.72
C PRO E 26 13.90 0.16 -30.44
N VAL E 27 13.17 0.28 -29.34
CA VAL E 27 12.73 1.60 -28.82
C VAL E 27 13.94 2.22 -28.13
N ALA E 28 14.34 3.42 -28.54
CA ALA E 28 15.49 4.16 -27.97
C ALA E 28 14.94 4.93 -26.75
N VAL E 29 15.37 4.50 -25.60
CA VAL E 29 14.97 5.13 -24.32
C VAL E 29 16.16 5.90 -23.79
N SER E 30 15.95 7.19 -23.54
CA SER E 30 17.00 8.05 -22.97
C SER E 30 16.74 8.18 -21.46
N VAL E 31 17.75 7.89 -20.63
CA VAL E 31 17.65 7.93 -19.15
C VAL E 31 18.77 8.79 -18.62
N SER E 32 18.44 9.73 -17.75
CA SER E 32 19.39 10.69 -17.15
C SER E 32 18.94 10.98 -15.72
N LEU E 33 19.77 10.74 -14.72
CA LEU E 33 19.43 11.02 -13.32
C LEU E 33 19.98 12.38 -12.91
N LYS E 34 19.17 13.15 -12.22
CA LYS E 34 19.60 14.41 -11.58
C LYS E 34 19.45 14.20 -10.09
N PHE E 35 20.57 14.21 -9.37
CA PHE E 35 20.54 13.96 -7.91
C PHE E 35 20.03 15.18 -7.19
N ILE E 36 19.09 14.94 -6.27
CA ILE E 36 18.44 16.02 -5.50
C ILE E 36 18.91 15.94 -4.06
N ASN E 37 19.07 14.76 -3.51
CA ASN E 37 19.42 14.64 -2.10
C ASN E 37 20.06 13.26 -1.86
N ILE E 38 20.93 13.22 -0.88
CA ILE E 38 21.49 11.96 -0.36
C ILE E 38 21.14 11.99 1.13
N LEU E 39 20.33 11.08 1.58
CA LEU E 39 19.59 11.22 2.84
C LEU E 39 20.28 10.40 3.93
N GLU E 40 20.73 9.21 3.60
CA GLU E 40 21.29 8.29 4.65
C GLU E 40 22.36 7.51 3.93
N VAL E 41 23.45 7.36 4.58
CA VAL E 41 24.59 6.61 4.03
C VAL E 41 25.05 5.71 5.17
N ASN E 42 25.30 4.46 4.88
CA ASN E 42 25.89 3.53 5.89
C ASN E 42 27.17 2.91 5.28
N GLU E 43 28.30 3.31 5.79
CA GLU E 43 29.63 2.84 5.30
C GLU E 43 29.88 1.40 5.73
N ILE E 44 29.27 0.92 6.82
CA ILE E 44 29.42 -0.49 7.27
C ILE E 44 28.58 -1.45 6.40
N THR E 45 27.35 -1.10 6.06
CA THR E 45 26.46 -1.98 5.22
C THR E 45 26.60 -1.64 3.74
N ASN E 46 27.25 -0.55 3.37
CA ASN E 46 27.38 -0.11 1.96
C ASN E 46 25.99 0.12 1.37
N GLU E 47 25.19 0.95 2.03
CA GLU E 47 23.83 1.28 1.59
C GLU E 47 23.68 2.81 1.58
N VAL E 48 22.95 3.31 0.59
CA VAL E 48 22.66 4.75 0.49
C VAL E 48 21.16 4.87 0.16
N ASP E 49 20.58 5.94 0.64
CA ASP E 49 19.15 6.31 0.42
C ASP E 49 19.21 7.64 -0.29
N VAL E 50 18.75 7.70 -1.54
CA VAL E 50 18.93 8.91 -2.42
C VAL E 50 17.58 9.32 -3.02
N VAL E 51 17.47 10.60 -3.30
CA VAL E 51 16.38 11.21 -4.12
C VAL E 51 16.96 11.72 -5.43
N PHE E 52 16.33 11.35 -6.55
CA PHE E 52 16.79 11.75 -7.88
C PHE E 52 15.58 11.90 -8.80
N TRP E 53 15.69 12.82 -9.78
CA TRP E 53 14.76 12.96 -10.90
C TRP E 53 15.26 12.04 -12.01
N GLN E 54 14.47 11.06 -12.37
CA GLN E 54 14.84 10.14 -13.44
C GLN E 54 14.25 10.61 -14.76
N ARG E 55 14.99 11.42 -15.48
CA ARG E 55 14.49 12.01 -16.75
C ARG E 55 14.51 10.93 -17.81
N THR E 56 13.33 10.57 -18.33
CA THR E 56 13.16 9.41 -19.22
C THR E 56 12.42 9.88 -20.48
N THR E 57 12.91 9.56 -21.66
CA THR E 57 12.26 9.96 -22.92
C THR E 57 12.32 8.81 -23.91
N TRP E 58 11.32 8.78 -24.77
CA TRP E 58 11.23 7.81 -25.87
C TRP E 58 10.18 8.36 -26.84
N SER E 59 10.06 7.68 -27.94
CA SER E 59 9.09 8.02 -29.00
C SER E 59 8.04 6.90 -29.08
N ASP E 60 6.77 7.29 -29.19
CA ASP E 60 5.66 6.37 -29.53
C ASP E 60 4.88 7.05 -30.66
N ARG E 61 5.25 6.76 -31.90
CA ARG E 61 4.77 7.53 -33.09
C ARG E 61 3.27 7.29 -33.31
N THR E 62 2.73 6.22 -32.74
CA THR E 62 1.28 5.90 -32.81
C THR E 62 0.48 7.00 -32.09
N LEU E 63 1.08 7.77 -31.17
CA LEU E 63 0.33 8.76 -30.37
C LEU E 63 0.31 10.10 -31.10
N ALA E 64 1.03 10.27 -32.22
CA ALA E 64 1.18 11.58 -32.91
C ALA E 64 -0.18 12.17 -33.32
N TRP E 65 -0.28 13.50 -33.38
CA TRP E 65 -1.49 14.19 -33.91
C TRP E 65 -1.04 15.46 -34.63
N ASP E 66 -1.92 16.01 -35.48
CA ASP E 66 -1.68 17.28 -36.17
C ASP E 66 -1.89 18.40 -35.15
N SER E 67 -0.88 19.22 -34.86
CA SER E 67 -0.97 20.38 -33.94
C SER E 67 -0.82 21.73 -34.67
N SER E 68 -1.09 21.82 -35.97
CA SER E 68 -1.04 23.12 -36.70
C SER E 68 -1.97 24.10 -35.98
N HIS E 69 -3.18 23.63 -35.62
CA HIS E 69 -4.26 24.44 -34.97
C HIS E 69 -4.76 23.72 -33.72
N SER E 70 -3.88 23.09 -32.95
CA SER E 70 -4.18 22.39 -31.66
C SER E 70 -2.97 22.51 -30.73
N PRO E 71 -3.14 22.26 -29.41
CA PRO E 71 -1.98 22.16 -28.51
C PRO E 71 -1.00 21.09 -29.02
N ASP E 72 0.31 21.37 -28.89
CA ASP E 72 1.32 20.42 -29.43
C ASP E 72 1.85 19.53 -28.29
N GLN E 73 1.36 19.72 -27.05
CA GLN E 73 1.75 18.90 -25.89
C GLN E 73 0.60 18.72 -24.90
N VAL E 74 0.50 17.56 -24.25
CA VAL E 74 -0.48 17.37 -23.14
C VAL E 74 0.18 16.53 -22.03
N SER E 75 -0.29 16.70 -20.81
CA SER E 75 0.07 15.84 -19.66
C SER E 75 -0.87 14.66 -19.62
N VAL E 76 -0.37 13.43 -19.53
CA VAL E 76 -1.15 12.16 -19.59
C VAL E 76 -0.75 11.26 -18.42
N PRO E 77 -1.67 10.57 -17.73
CA PRO E 77 -1.34 9.60 -16.71
C PRO E 77 -0.56 8.45 -17.32
N ILE E 78 0.51 8.02 -16.67
CA ILE E 78 1.39 6.98 -17.26
C ILE E 78 0.61 5.67 -17.43
N SER E 79 -0.46 5.47 -16.69
CA SER E 79 -1.30 4.27 -16.82
C SER E 79 -1.98 4.26 -18.19
N SER E 80 -2.07 5.39 -18.92
CA SER E 80 -2.62 5.35 -20.31
C SER E 80 -1.56 5.06 -21.36
N LEU E 81 -0.27 5.01 -21.00
CA LEU E 81 0.83 4.89 -22.00
C LEU E 81 1.64 3.63 -21.75
N TRP E 82 2.34 3.20 -22.76
CA TRP E 82 3.46 2.26 -22.58
C TRP E 82 4.58 3.08 -21.90
N VAL E 83 5.23 2.47 -20.93
CA VAL E 83 6.39 3.07 -20.22
C VAL E 83 7.45 1.97 -20.18
N PRO E 84 8.72 2.29 -20.41
CA PRO E 84 9.76 1.26 -20.34
C PRO E 84 9.85 0.63 -18.94
N ASP E 85 10.11 -0.67 -18.88
CA ASP E 85 10.16 -1.46 -17.63
C ASP E 85 11.58 -1.32 -17.02
N LEU E 86 11.99 -0.09 -16.69
CA LEU E 86 13.35 0.19 -16.16
C LEU E 86 13.43 -0.27 -14.73
N ALA E 87 14.57 -0.82 -14.34
CA ALA E 87 14.83 -1.18 -12.95
C ALA E 87 16.31 -0.91 -12.66
N ALA E 88 16.58 -0.57 -11.41
CA ALA E 88 17.95 -0.37 -10.90
C ALA E 88 18.41 -1.75 -10.45
N TYR E 89 19.46 -2.29 -11.03
CA TYR E 89 19.91 -3.69 -10.76
CA TYR E 89 19.91 -3.68 -10.74
C TYR E 89 20.44 -3.81 -9.31
N ASN E 90 20.93 -2.74 -8.69
CA ASN E 90 21.52 -2.83 -7.32
C ASN E 90 20.58 -2.10 -6.34
N ALA E 91 19.31 -1.91 -6.70
CA ALA E 91 18.30 -1.34 -5.79
C ALA E 91 18.03 -2.37 -4.71
N ILE E 92 17.81 -1.91 -3.48
CA ILE E 92 17.38 -2.82 -2.38
C ILE E 92 16.08 -2.33 -1.78
N SER E 93 15.42 -1.39 -2.42
CA SER E 93 14.04 -1.00 -2.10
C SER E 93 13.33 -0.72 -3.43
N LYS E 94 12.03 -0.75 -3.39
CA LYS E 94 11.25 -0.38 -4.57
C LYS E 94 11.38 1.12 -4.75
N PRO E 95 11.27 1.61 -5.99
CA PRO E 95 11.32 3.06 -6.20
C PRO E 95 10.08 3.67 -5.52
N GLU E 96 10.27 4.63 -4.63
CA GLU E 96 9.18 5.46 -4.10
C GLU E 96 9.05 6.70 -5.00
N VAL E 97 8.00 6.76 -5.80
CA VAL E 97 7.79 7.91 -6.72
C VAL E 97 7.11 9.01 -5.91
N LEU E 98 7.76 10.15 -5.80
CA LEU E 98 7.32 11.26 -4.89
C LEU E 98 6.35 12.20 -5.62
N THR E 99 6.27 12.14 -6.94
CA THR E 99 5.59 13.18 -7.75
C THR E 99 4.41 12.58 -8.51
N PRO E 100 3.47 13.42 -9.01
CA PRO E 100 2.35 12.91 -9.80
C PRO E 100 2.89 12.07 -10.96
N GLN E 101 2.24 10.94 -11.21
CA GLN E 101 2.64 9.97 -12.26
C GLN E 101 2.02 10.37 -13.60
N LEU E 102 2.44 11.53 -14.12
CA LEU E 102 2.04 12.07 -15.41
C LEU E 102 3.29 12.17 -16.31
N ALA E 103 3.10 11.84 -17.57
CA ALA E 103 4.06 12.07 -18.65
C ALA E 103 3.62 13.24 -19.50
N ARG E 104 4.57 13.84 -20.24
CA ARG E 104 4.23 14.76 -21.32
C ARG E 104 4.34 14.05 -22.67
N VAL E 105 3.31 14.20 -23.47
CA VAL E 105 3.28 13.61 -24.83
C VAL E 105 3.26 14.80 -25.79
N VAL E 106 4.23 14.82 -26.71
CA VAL E 106 4.33 15.87 -27.77
C VAL E 106 3.65 15.33 -29.03
N SER E 107 3.14 16.26 -29.87
CA SER E 107 2.31 15.91 -31.03
C SER E 107 3.07 15.03 -32.02
N ASP E 108 4.39 14.96 -31.96
CA ASP E 108 5.19 14.07 -32.85
C ASP E 108 5.31 12.67 -32.21
N GLY E 109 4.71 12.40 -31.06
CA GLY E 109 4.84 11.09 -30.40
C GLY E 109 6.03 11.01 -29.47
N GLU E 110 6.73 12.10 -29.20
CA GLU E 110 7.79 12.05 -28.17
C GLU E 110 7.14 12.06 -26.77
N VAL E 111 7.63 11.22 -25.87
CA VAL E 111 7.11 11.10 -24.49
C VAL E 111 8.25 11.46 -23.52
N LEU E 112 7.95 12.28 -22.53
CA LEU E 112 8.84 12.62 -21.42
C LEU E 112 8.16 12.25 -20.11
N TYR E 113 8.86 11.51 -19.24
CA TYR E 113 8.42 11.16 -17.87
C TYR E 113 9.60 11.45 -16.93
N VAL E 114 9.37 12.26 -15.92
CA VAL E 114 10.44 12.73 -14.97
C VAL E 114 9.97 12.54 -13.53
N PRO E 115 9.82 11.30 -13.05
CA PRO E 115 9.44 11.10 -11.68
C PRO E 115 10.60 11.45 -10.74
N SER E 116 10.26 12.02 -9.58
CA SER E 116 11.20 12.17 -8.46
C SER E 116 11.11 10.88 -7.65
N ILE E 117 12.21 10.20 -7.50
CA ILE E 117 12.28 8.85 -6.89
C ILE E 117 13.19 8.90 -5.66
N ARG E 118 12.70 8.36 -4.58
CA ARG E 118 13.52 8.00 -3.40
C ARG E 118 13.72 6.50 -3.40
N GLN E 119 14.97 6.05 -3.33
CA GLN E 119 15.28 4.62 -3.42
C GLN E 119 16.57 4.32 -2.68
N ARG E 120 16.69 3.12 -2.18
CA ARG E 120 17.90 2.65 -1.47
C ARG E 120 18.71 1.70 -2.34
N PHE E 121 20.02 1.84 -2.32
CA PHE E 121 20.96 1.04 -3.14
C PHE E 121 22.02 0.39 -2.26
N SER E 122 22.49 -0.76 -2.76
CA SER E 122 23.74 -1.44 -2.37
C SER E 122 24.85 -0.93 -3.30
N CYS E 123 25.79 -0.16 -2.77
CA CYS E 123 26.91 0.35 -3.59
C CYS E 123 28.10 0.69 -2.71
N ASP E 124 29.20 1.06 -3.34
CA ASP E 124 30.47 1.30 -2.62
C ASP E 124 30.37 2.66 -1.89
N VAL E 125 30.21 2.61 -0.57
CA VAL E 125 30.14 3.85 0.26
C VAL E 125 31.52 4.08 0.90
N SER E 126 32.50 3.23 0.65
CA SER E 126 33.85 3.41 1.26
C SER E 126 34.43 4.77 0.80
N GLY E 127 35.00 5.54 1.73
CA GLY E 127 35.66 6.81 1.43
C GLY E 127 34.74 8.00 1.56
N VAL E 128 33.47 7.80 1.92
CA VAL E 128 32.47 8.92 1.96
C VAL E 128 32.96 10.06 2.89
N ASP E 129 33.68 9.76 3.96
CA ASP E 129 34.16 10.75 4.96
C ASP E 129 35.59 11.19 4.63
N THR E 130 36.06 10.97 3.44
CA THR E 130 37.40 11.44 2.96
C THR E 130 37.18 12.54 1.94
N GLU E 131 38.25 13.20 1.60
CA GLU E 131 38.25 14.33 0.64
C GLU E 131 37.88 13.85 -0.75
N SER E 132 38.33 12.66 -1.13
CA SER E 132 38.16 12.15 -2.50
C SER E 132 36.73 11.50 -2.59
N GLY E 133 36.10 11.19 -1.45
CA GLY E 133 34.71 10.76 -1.33
C GLY E 133 34.48 9.31 -1.75
N ALA E 134 33.23 8.86 -1.71
CA ALA E 134 32.81 7.53 -2.19
C ALA E 134 32.37 7.65 -3.66
N THR E 135 32.41 6.54 -4.38
CA THR E 135 31.80 6.45 -5.73
C THR E 135 30.77 5.33 -5.72
N CYS E 136 29.49 5.70 -5.69
CA CYS E 136 28.36 4.76 -5.67
C CYS E 136 27.85 4.61 -7.13
N ARG E 137 27.91 3.40 -7.66
CA ARG E 137 27.47 3.11 -9.05
C ARG E 137 26.07 2.54 -9.01
N ILE E 138 25.17 3.14 -9.76
CA ILE E 138 23.74 2.71 -9.92
C ILE E 138 23.51 2.28 -11.36
N LYS E 139 23.10 1.03 -11.58
CA LYS E 139 22.89 0.46 -12.94
C LYS E 139 21.38 0.38 -13.20
N ILE E 140 20.89 1.08 -14.22
CA ILE E 140 19.44 1.07 -14.60
C ILE E 140 19.32 0.59 -16.06
N GLY E 141 18.50 -0.43 -16.29
CA GLY E 141 18.10 -0.80 -17.67
C GLY E 141 16.77 -1.48 -17.68
N SER E 142 16.35 -1.93 -18.84
CA SER E 142 15.14 -2.75 -18.99
C SER E 142 15.32 -4.07 -18.21
N TRP E 143 14.29 -4.48 -17.50
CA TRP E 143 14.32 -5.77 -16.79
C TRP E 143 14.07 -6.92 -17.78
N THR E 144 13.10 -6.75 -18.68
CA THR E 144 12.61 -7.88 -19.51
C THR E 144 12.87 -7.73 -21.02
N HIS E 145 13.33 -6.57 -21.49
CA HIS E 145 13.50 -6.30 -22.95
C HIS E 145 15.01 -6.23 -23.24
N HIS E 146 15.51 -7.15 -24.05
CA HIS E 146 16.91 -7.13 -24.52
C HIS E 146 17.10 -6.04 -25.56
N SER E 147 18.34 -5.91 -26.05
CA SER E 147 18.85 -4.75 -26.83
C SER E 147 18.14 -4.65 -28.20
N ARG E 148 17.55 -5.72 -28.71
CA ARG E 148 16.80 -5.69 -29.99
C ARG E 148 15.42 -5.06 -29.78
N GLU E 149 14.94 -4.96 -28.53
CA GLU E 149 13.60 -4.41 -28.19
C GLU E 149 13.74 -3.05 -27.52
N ILE E 150 14.68 -2.88 -26.58
CA ILE E 150 14.94 -1.56 -25.98
C ILE E 150 16.42 -1.31 -25.99
N SER E 151 16.81 -0.12 -26.44
CA SER E 151 18.17 0.41 -26.26
C SER E 151 18.10 1.52 -25.22
N VAL E 152 19.05 1.53 -24.30
CA VAL E 152 19.15 2.57 -23.25
C VAL E 152 20.37 3.44 -23.54
N ASP E 153 20.16 4.74 -23.62
CA ASP E 153 21.19 5.78 -23.90
C ASP E 153 21.21 6.84 -22.79
N PRO E 154 22.38 7.25 -22.27
CA PRO E 154 22.47 8.43 -21.41
C PRO E 154 22.36 9.73 -22.22
N THR E 155 22.43 10.86 -21.54
CA THR E 155 22.52 12.24 -22.11
C THR E 155 23.82 12.94 -21.72
N ASP E 161 25.77 19.15 -12.57
CA ASP E 161 25.86 17.90 -11.74
C ASP E 161 25.15 18.17 -10.41
N SER E 162 25.48 19.30 -9.80
CA SER E 162 24.93 19.75 -8.51
C SER E 162 23.82 20.78 -8.74
N GLU E 163 23.35 20.95 -9.98
CA GLU E 163 22.50 22.12 -10.33
C GLU E 163 21.21 22.10 -9.52
N TYR E 164 20.67 20.91 -9.24
CA TYR E 164 19.39 20.74 -8.48
C TYR E 164 19.65 20.01 -7.16
N PHE E 165 20.92 19.83 -6.77
CA PHE E 165 21.22 19.11 -5.52
C PHE E 165 20.90 20.00 -4.33
N SER E 166 20.25 19.48 -3.28
CA SER E 166 19.88 20.32 -2.11
C SER E 166 21.16 20.88 -1.48
N GLN E 167 21.19 22.18 -1.24
CA GLN E 167 22.33 22.82 -0.54
C GLN E 167 22.30 22.43 0.95
N TYR E 168 21.22 21.80 1.44
CA TYR E 168 21.00 21.50 2.88
C TYR E 168 21.39 20.08 3.23
N SER E 169 21.66 19.21 2.25
CA SER E 169 22.20 17.86 2.48
C SER E 169 23.48 17.96 3.32
N ARG E 170 23.76 16.96 4.12
CA ARG E 170 25.05 16.78 4.83
C ARG E 170 26.15 16.43 3.81
N PHE E 171 25.76 15.99 2.61
CA PHE E 171 26.69 15.50 1.59
C PHE E 171 26.78 16.52 0.44
N GLU E 172 27.80 16.39 -0.39
CA GLU E 172 27.95 17.21 -1.61
C GLU E 172 28.45 16.30 -2.72
N ILE E 173 28.13 16.66 -3.96
CA ILE E 173 28.50 15.93 -5.18
C ILE E 173 29.82 16.47 -5.72
N LEU E 174 30.78 15.59 -5.91
CA LEU E 174 32.09 15.90 -6.52
C LEU E 174 31.93 15.71 -8.02
N ASP E 175 31.22 14.68 -8.45
CA ASP E 175 31.08 14.38 -9.89
C ASP E 175 29.98 13.32 -10.12
N VAL E 176 29.32 13.41 -11.27
CA VAL E 176 28.36 12.38 -11.77
C VAL E 176 28.77 12.02 -13.20
N THR E 177 28.95 10.74 -13.47
CA THR E 177 29.27 10.18 -14.78
C THR E 177 28.13 9.21 -15.14
N GLN E 178 27.64 9.22 -16.37
CA GLN E 178 26.51 8.37 -16.83
C GLN E 178 27.00 7.68 -18.11
N LYS E 179 27.34 6.39 -18.04
CA LYS E 179 27.96 5.66 -19.16
C LYS E 179 27.08 4.48 -19.60
N LYS E 180 26.93 4.33 -20.90
CA LYS E 180 26.23 3.18 -21.52
C LYS E 180 26.97 1.90 -21.13
N ASN E 181 26.24 0.85 -20.88
CA ASN E 181 26.81 -0.50 -20.64
C ASN E 181 25.78 -1.55 -21.07
N SER E 182 26.17 -2.82 -21.03
CA SER E 182 25.26 -3.94 -21.35
C SER E 182 25.58 -5.11 -20.43
N VAL E 183 24.56 -5.87 -20.07
CA VAL E 183 24.68 -7.09 -19.22
C VAL E 183 24.21 -8.26 -20.08
N THR E 184 24.95 -9.37 -20.08
CA THR E 184 24.48 -10.66 -20.64
C THR E 184 24.37 -11.67 -19.49
N TYR E 185 23.41 -12.57 -19.57
CA TYR E 185 23.18 -13.61 -18.53
C TYR E 185 23.82 -14.92 -19.01
N SER E 186 24.45 -15.62 -18.07
CA SER E 186 25.08 -16.95 -18.22
C SER E 186 24.20 -17.88 -19.06
N CYS E 187 22.86 -17.85 -18.86
CA CYS E 187 21.93 -18.76 -19.60
C CYS E 187 21.92 -18.43 -21.11
N CYS E 188 21.74 -17.14 -21.45
CA CYS E 188 21.09 -16.72 -22.73
C CYS E 188 21.95 -15.79 -23.58
N PRO E 189 21.71 -15.81 -24.91
CA PRO E 189 22.51 -15.04 -25.88
C PRO E 189 22.28 -13.53 -25.72
N GLU E 190 21.03 -13.15 -25.41
CA GLU E 190 20.54 -11.75 -25.44
C GLU E 190 21.35 -10.92 -24.45
N ALA E 191 21.72 -9.73 -24.89
CA ALA E 191 22.24 -8.62 -24.06
C ALA E 191 21.12 -7.65 -23.64
N TYR E 192 21.18 -7.19 -22.39
CA TYR E 192 20.29 -6.18 -21.78
C TYR E 192 21.09 -4.90 -21.62
N GLU E 193 20.61 -3.81 -22.18
CA GLU E 193 21.35 -2.52 -22.10
C GLU E 193 21.10 -1.89 -20.74
N ASP E 194 22.10 -1.16 -20.24
CA ASP E 194 21.88 -0.32 -19.03
C ASP E 194 22.66 1.00 -19.14
N VAL E 195 22.27 1.95 -18.31
CA VAL E 195 23.12 3.12 -17.94
C VAL E 195 23.73 2.86 -16.58
N GLU E 196 25.03 3.04 -16.48
CA GLU E 196 25.79 3.01 -15.23
C GLU E 196 26.02 4.46 -14.76
N VAL E 197 25.39 4.86 -13.67
CA VAL E 197 25.51 6.22 -13.11
C VAL E 197 26.46 6.17 -11.93
N SER E 198 27.61 6.82 -12.04
CA SER E 198 28.68 6.82 -11.01
C SER E 198 28.55 8.13 -10.24
N LEU E 199 28.04 8.07 -9.02
CA LEU E 199 27.88 9.23 -8.14
C LEU E 199 29.10 9.32 -7.20
N ASN E 200 29.96 10.30 -7.43
CA ASN E 200 31.11 10.58 -6.53
C ASN E 200 30.66 11.70 -5.60
N PHE E 201 30.55 11.38 -4.32
CA PHE E 201 30.08 12.33 -3.30
C PHE E 201 30.87 12.16 -1.99
N ARG E 202 30.81 13.14 -1.12
CA ARG E 202 31.45 13.06 0.21
C ARG E 202 30.59 13.80 1.24
N LYS E 203 30.84 13.48 2.51
CA LYS E 203 30.31 14.29 3.61
C LYS E 203 30.95 15.68 3.49
N LYS E 204 30.20 16.76 3.69
CA LYS E 204 30.78 18.12 3.68
C LYS E 204 31.75 18.27 4.86
N GLY E 205 32.86 19.00 4.69
CA GLY E 205 33.88 19.29 5.73
C GLY E 205 33.47 20.37 6.74
#